data_2Y3I
#
_entry.id   2Y3I
#
_cell.length_a   38.419
_cell.length_b   103.877
_cell.length_c   203.094
_cell.angle_alpha   90.00
_cell.angle_beta   90.00
_cell.angle_gamma   90.00
#
_symmetry.space_group_name_H-M   'P 21 21 21'
#
loop_
_entity.id
_entity.type
_entity.pdbx_description
1 polymer 'PHOSPHOGLYCERATE KINASE 1'
2 non-polymer 'MAGNESIUM ION'
3 non-polymer 'CHLORIDE ION'
4 non-polymer "L-ADENOSINE-5'-DIPHOSPHATE"
5 non-polymer 'TETRAFLUOROALUMINATE ION'
6 non-polymer '3-PHOSPHOGLYCERIC ACID'
7 water water
#
_entity_poly.entity_id   1
_entity_poly.type   'polypeptide(L)'
_entity_poly.pdbx_seq_one_letter_code
;MSMSNKLTLDKLDVKGKRVVMRVDFNVPMKNNQITNNQRIKAAVPSIKFCLDNGAKSVVLMSHLGRPDGVPMPDKYSLEP
VAVELKSLLGKDVLFLKDCVGPEVEKACANPAAGSVILLENLRFHVEEEGKGKDASGNKVKAEPAKIEAFRASLSKLGDV
YVNDAFGTAHRAHSSMVGVNLPQKAGGFLMKKELNYFAKALESPERPFLAILGGAKVADKIQLINNMLDKVNEMIIGGGM
AFTFLKVLNNMEIGTSLFDEEGAKIVKDLMSKAEKNGVKITLPVDFVTADKFDENAKTGQATVASGIPAGWMGLDCGPES
SKKYAEAVTRAKQIVWNGPVGVFEWEAFARGTKALMDEVVKATSRGCITIIGGGDTATCCAKWNTEDKVSHVSTGGGASL
ELLEGKVLPGVDALSN
;
_entity_poly.pdbx_strand_id   A,D
#
# COMPACT_ATOMS: atom_id res chain seq x y z
N MET A 3 1.41 24.60 10.76
CA MET A 3 0.13 23.93 11.12
C MET A 3 -0.18 24.26 12.60
N SER A 4 -1.08 23.38 13.19
CA SER A 4 -1.42 23.39 14.64
C SER A 4 -1.30 24.55 15.65
N ASN A 5 -0.41 25.51 15.48
CA ASN A 5 -0.23 26.53 16.53
C ASN A 5 0.05 27.83 15.81
N LYS A 6 -0.09 27.75 14.49
CA LYS A 6 0.15 28.87 13.62
C LYS A 6 -1.19 29.28 13.06
N LEU A 7 -1.29 30.57 12.74
CA LEU A 7 -2.52 31.19 12.30
C LEU A 7 -2.95 30.59 10.99
N THR A 8 -4.24 30.41 10.81
CA THR A 8 -4.78 29.86 9.57
C THR A 8 -5.90 30.73 9.03
N LEU A 9 -6.19 30.50 7.76
CA LEU A 9 -7.16 31.30 7.01
C LEU A 9 -8.55 31.28 7.62
N ASP A 10 -8.92 30.12 8.14
CA ASP A 10 -10.23 29.94 8.78
C ASP A 10 -10.35 30.74 10.06
N LYS A 11 -9.22 30.94 10.73
CA LYS A 11 -9.16 31.75 11.95
C LYS A 11 -8.99 33.21 11.64
N LEU A 12 -8.73 33.52 10.37
CA LEU A 12 -8.42 34.88 9.97
C LEU A 12 -9.68 35.68 9.65
N ASP A 13 -9.60 36.98 9.92
CA ASP A 13 -10.67 37.91 9.58
C ASP A 13 -10.25 38.73 8.36
N VAL A 14 -11.02 38.60 7.28
CA VAL A 14 -10.67 39.27 6.03
C VAL A 14 -11.71 40.30 5.60
N LYS A 15 -12.74 40.53 6.41
CA LYS A 15 -13.80 41.41 5.99
C LYS A 15 -13.32 42.86 5.91
N GLY A 16 -13.35 43.40 4.70
CA GLY A 16 -12.95 44.80 4.43
C GLY A 16 -11.45 45.03 4.30
N LYS A 17 -10.68 43.95 4.26
CA LYS A 17 -9.24 44.03 4.28
C LYS A 17 -8.69 43.50 2.99
N ARG A 18 -7.58 44.07 2.54
CA ARG A 18 -6.94 43.57 1.33
C ARG A 18 -6.02 42.43 1.71
N VAL A 19 -6.02 41.40 0.90
CA VAL A 19 -5.27 40.20 1.19
C VAL A 19 -4.16 40.00 0.17
N VAL A 20 -2.94 39.90 0.64
CA VAL A 20 -1.84 39.58 -0.24
C VAL A 20 -1.56 38.09 -0.05
N MET A 21 -1.65 37.33 -1.13
CA MET A 21 -1.57 35.89 -1.05
C MET A 21 -0.45 35.33 -1.90
N ARG A 22 0.40 34.52 -1.29
CA ARG A 22 1.44 33.84 -2.03
C ARG A 22 0.89 32.51 -2.56
N VAL A 23 0.90 32.33 -3.88
CA VAL A 23 0.47 31.05 -4.47
C VAL A 23 1.52 30.43 -5.36
N ASP A 24 1.43 29.10 -5.52
CA ASP A 24 2.31 28.38 -6.44
C ASP A 24 1.59 28.14 -7.77
N PHE A 25 1.82 29.07 -8.69
CA PHE A 25 1.18 29.07 -9.99
C PHE A 25 2.24 28.74 -11.02
N ASN A 26 3.29 28.08 -10.55
CA ASN A 26 4.36 27.65 -11.41
C ASN A 26 3.96 26.39 -12.15
N VAL A 27 3.23 26.60 -13.23
CA VAL A 27 2.60 25.53 -13.99
C VAL A 27 3.41 25.17 -15.21
N PRO A 28 3.18 23.97 -15.75
CA PRO A 28 3.88 23.55 -16.95
C PRO A 28 3.42 24.31 -18.19
N MET A 29 4.39 24.69 -19.02
CA MET A 29 4.13 25.43 -20.25
C MET A 29 4.72 24.70 -21.44
N LYS A 30 3.95 24.58 -22.52
CA LYS A 30 4.49 24.14 -23.80
C LYS A 30 4.12 25.14 -24.86
N ASN A 31 5.13 25.69 -25.50
CA ASN A 31 4.94 26.64 -26.60
C ASN A 31 4.09 27.83 -26.16
N ASN A 32 4.29 28.27 -24.91
CA ASN A 32 3.67 29.49 -24.40
C ASN A 32 2.26 29.28 -23.86
N GLN A 33 1.86 28.03 -23.65
CA GLN A 33 0.48 27.70 -23.31
C GLN A 33 0.46 26.66 -22.20
N ILE A 34 -0.59 26.70 -21.39
CA ILE A 34 -0.71 25.83 -20.22
C ILE A 34 -1.03 24.40 -20.59
N THR A 35 -0.35 23.47 -19.93
CA THR A 35 -0.59 22.04 -20.13
C THR A 35 -1.26 21.38 -18.94
N ASN A 36 -1.14 21.98 -17.76
CA ASN A 36 -1.86 21.49 -16.58
C ASN A 36 -2.18 22.65 -15.64
N ASN A 37 -3.36 22.60 -15.02
CA ASN A 37 -3.84 23.69 -14.15
C ASN A 37 -4.18 23.28 -12.72
N GLN A 38 -3.72 22.10 -12.29
CA GLN A 38 -3.97 21.62 -10.93
C GLN A 38 -3.47 22.63 -9.90
N ARG A 39 -2.26 23.13 -10.15
CA ARG A 39 -1.60 23.98 -9.18
C ARG A 39 -2.42 25.23 -8.99
N ILE A 40 -2.97 25.70 -10.12
CA ILE A 40 -3.90 26.83 -10.16
C ILE A 40 -5.23 26.46 -9.52
N LYS A 41 -5.74 25.32 -9.92
CA LYS A 41 -7.04 24.83 -9.47
C LYS A 41 -7.06 24.59 -7.97
N ALA A 42 -5.91 24.19 -7.43
CA ALA A 42 -5.76 23.88 -6.01
C ALA A 42 -5.88 25.10 -5.11
N ALA A 43 -5.54 26.27 -5.64
CA ALA A 43 -5.50 27.49 -4.83
C ALA A 43 -6.84 28.23 -4.75
N VAL A 44 -7.83 27.78 -5.53
CA VAL A 44 -9.12 28.45 -5.62
C VAL A 44 -9.94 28.49 -4.33
N PRO A 45 -10.02 27.37 -3.58
CA PRO A 45 -10.78 27.43 -2.35
C PRO A 45 -10.38 28.58 -1.44
N SER A 46 -9.07 28.82 -1.32
CA SER A 46 -8.57 29.88 -0.47
C SER A 46 -8.91 31.25 -1.03
N ILE A 47 -8.81 31.38 -2.34
CA ILE A 47 -9.09 32.67 -2.99
C ILE A 47 -10.56 33.04 -2.85
N LYS A 48 -11.43 32.06 -3.06
CA LYS A 48 -12.87 32.27 -2.92
C LYS A 48 -13.31 32.60 -1.52
N PHE A 49 -12.64 31.98 -0.57
CA PHE A 49 -13.00 32.11 0.82
C PHE A 49 -12.99 33.57 1.13
N CYS A 50 -11.90 34.22 0.73
CA CYS A 50 -11.67 35.65 1.00
C CYS A 50 -12.73 36.54 0.35
N LEU A 51 -13.08 36.20 -0.89
CA LEU A 51 -14.10 36.93 -1.64
C LEU A 51 -15.48 36.76 -1.02
N ASP A 52 -15.78 35.55 -0.54
CA ASP A 52 -17.08 35.26 0.05
C ASP A 52 -17.22 35.80 1.44
N ASN A 53 -16.10 36.06 2.09
CA ASN A 53 -16.16 36.54 3.44
C ASN A 53 -16.08 38.04 3.54
N GLY A 54 -16.07 38.71 2.38
CA GLY A 54 -16.15 40.15 2.33
C GLY A 54 -14.81 40.82 2.19
N ALA A 55 -13.80 40.08 1.73
CA ALA A 55 -12.48 40.65 1.50
C ALA A 55 -12.54 41.67 0.38
N LYS A 56 -11.87 42.80 0.60
CA LYS A 56 -11.90 43.92 -0.33
C LYS A 56 -11.19 43.54 -1.62
N SER A 57 -10.02 42.94 -1.47
CA SER A 57 -9.26 42.45 -2.62
C SER A 57 -8.37 41.31 -2.22
N VAL A 58 -8.00 40.51 -3.23
CA VAL A 58 -7.01 39.46 -3.11
C VAL A 58 -5.92 39.71 -4.13
N VAL A 59 -4.71 39.98 -3.64
CA VAL A 59 -3.55 40.22 -4.49
C VAL A 59 -2.66 38.97 -4.50
N LEU A 60 -2.41 38.44 -5.69
CA LEU A 60 -1.77 37.14 -5.88
C LEU A 60 -0.34 37.26 -6.36
N MET A 61 0.57 36.66 -5.62
CA MET A 61 1.96 36.67 -6.01
C MET A 61 2.44 35.25 -6.21
N SER A 62 3.26 35.07 -7.24
CA SER A 62 3.71 33.75 -7.62
C SER A 62 4.88 33.88 -8.55
N HIS A 63 5.43 32.76 -8.94
CA HIS A 63 6.55 32.75 -9.83
C HIS A 63 6.41 31.67 -10.89
N LEU A 64 7.10 31.87 -12.00
CA LEU A 64 7.11 30.93 -13.11
C LEU A 64 8.53 30.67 -13.51
N GLY A 65 8.97 29.41 -13.43
CA GLY A 65 10.27 29.01 -13.98
C GLY A 65 11.47 29.59 -13.27
N ARG A 66 12.61 29.62 -13.96
CA ARG A 66 13.82 30.23 -13.41
C ARG A 66 14.44 31.25 -14.37
N PRO A 67 13.90 32.47 -14.35
CA PRO A 67 14.39 33.59 -15.11
C PRO A 67 15.63 34.22 -14.51
N ASP A 68 16.18 33.63 -13.44
CA ASP A 68 17.52 33.97 -12.92
C ASP A 68 17.69 35.45 -12.55
N GLY A 69 16.60 36.10 -12.15
CA GLY A 69 16.65 37.49 -11.66
C GLY A 69 16.52 38.56 -12.73
N VAL A 70 16.44 38.16 -13.98
CA VAL A 70 16.26 39.06 -15.12
C VAL A 70 14.86 38.85 -15.70
N PRO A 71 14.24 39.90 -16.26
CA PRO A 71 12.88 39.80 -16.78
C PRO A 71 12.75 39.23 -18.19
N MET A 72 11.98 38.17 -18.34
CA MET A 72 11.75 37.55 -19.65
C MET A 72 10.26 37.40 -19.93
N PRO A 73 9.59 38.50 -20.29
CA PRO A 73 8.14 38.49 -20.51
C PRO A 73 7.75 37.60 -21.69
N ASP A 74 8.66 37.45 -22.64
CA ASP A 74 8.44 36.64 -23.82
C ASP A 74 8.29 35.16 -23.45
N LYS A 75 9.06 34.73 -22.45
CA LYS A 75 9.10 33.32 -22.05
C LYS A 75 8.37 33.05 -20.77
N TYR A 76 8.87 33.65 -19.70
CA TYR A 76 8.43 33.34 -18.34
C TYR A 76 7.47 34.38 -17.80
N SER A 77 6.48 34.75 -18.61
CA SER A 77 5.42 35.65 -18.14
C SER A 77 4.22 34.90 -17.59
N LEU A 78 3.54 35.57 -16.68
CA LEU A 78 2.47 34.98 -15.89
C LEU A 78 1.10 35.43 -16.43
N GLU A 79 1.09 36.02 -17.61
CA GLU A 79 -0.13 36.58 -18.18
C GLU A 79 -1.16 35.56 -18.70
N PRO A 80 -0.70 34.36 -19.07
CA PRO A 80 -1.56 33.31 -19.61
C PRO A 80 -2.29 32.54 -18.52
N VAL A 81 -2.18 33.06 -17.30
CA VAL A 81 -2.40 32.27 -16.10
C VAL A 81 -3.69 32.43 -15.26
N ALA A 82 -4.14 33.60 -14.80
CA ALA A 82 -4.17 34.91 -15.47
C ALA A 82 -5.37 34.90 -16.42
N VAL A 83 -5.38 33.95 -17.35
CA VAL A 83 -6.50 33.72 -18.26
C VAL A 83 -7.29 32.50 -17.83
N GLU A 84 -6.57 31.52 -17.28
CA GLU A 84 -7.20 30.31 -16.80
C GLU A 84 -7.96 30.62 -15.53
N LEU A 85 -7.37 31.52 -14.74
CA LEU A 85 -7.90 31.83 -13.44
C LEU A 85 -9.32 32.38 -13.58
N LYS A 86 -9.63 33.10 -14.65
CA LYS A 86 -10.98 33.60 -14.88
C LYS A 86 -12.02 32.48 -14.95
N SER A 87 -11.61 31.42 -15.62
CA SER A 87 -12.46 30.29 -15.90
C SER A 87 -12.79 29.49 -14.65
N LEU A 88 -11.76 29.25 -13.86
CA LEU A 88 -11.86 28.48 -12.63
C LEU A 88 -12.52 29.38 -11.61
N LEU A 89 -12.13 30.62 -11.70
CA LEU A 89 -12.63 31.69 -10.88
C LEU A 89 -14.06 32.01 -11.07
N GLY A 90 -14.39 32.18 -12.34
CA GLY A 90 -15.67 32.72 -12.71
C GLY A 90 -15.72 34.22 -12.52
N LYS A 91 -14.57 34.84 -12.26
CA LYS A 91 -14.51 36.28 -12.00
C LYS A 91 -13.42 36.92 -12.83
N ASP A 92 -13.61 38.21 -13.09
CA ASP A 92 -12.65 38.97 -13.89
C ASP A 92 -11.39 39.23 -13.10
N VAL A 93 -10.27 38.81 -13.70
CA VAL A 93 -8.95 38.86 -13.09
C VAL A 93 -8.17 39.93 -13.81
N LEU A 94 -7.37 40.66 -13.05
CA LEU A 94 -6.66 41.81 -13.59
C LEU A 94 -5.16 41.62 -13.50
N PHE A 95 -4.50 41.66 -14.65
CA PHE A 95 -3.10 41.32 -14.69
C PHE A 95 -2.16 42.51 -14.88
N LEU A 96 -1.15 42.57 -14.01
CA LEU A 96 -0.16 43.65 -13.99
C LEU A 96 1.23 43.17 -14.45
N LYS A 97 1.97 44.07 -15.11
CA LYS A 97 3.24 43.70 -15.77
C LYS A 97 4.45 43.89 -14.88
N ASP A 98 4.20 44.08 -13.60
CA ASP A 98 5.26 44.10 -12.64
C ASP A 98 4.66 43.77 -11.27
N CYS A 99 5.49 43.43 -10.31
CA CYS A 99 5.02 43.18 -8.94
C CYS A 99 5.40 44.32 -7.99
N VAL A 100 6.10 45.31 -8.52
CA VAL A 100 6.55 46.47 -7.75
C VAL A 100 6.84 47.65 -8.69
N GLY A 101 6.70 48.89 -8.22
CA GLY A 101 6.22 49.23 -6.89
C GLY A 101 5.18 50.34 -6.99
N PRO A 102 5.64 51.60 -7.06
CA PRO A 102 4.76 52.79 -6.96
C PRO A 102 3.56 52.76 -7.89
N GLU A 103 3.80 52.36 -9.14
CA GLU A 103 2.72 52.10 -10.10
C GLU A 103 1.85 50.91 -9.73
N VAL A 104 2.51 49.82 -9.35
CA VAL A 104 1.81 48.62 -8.91
C VAL A 104 1.10 48.84 -7.58
N GLU A 105 1.76 49.59 -6.71
CA GLU A 105 1.22 49.94 -5.39
C GLU A 105 0.01 50.83 -5.50
N LYS A 106 -0.02 51.61 -6.58
CA LYS A 106 -1.14 52.48 -6.90
C LYS A 106 -2.42 51.68 -7.11
N ALA A 107 -2.32 50.64 -7.94
CA ALA A 107 -3.44 49.75 -8.24
C ALA A 107 -3.89 49.00 -7.01
N CYS A 108 -2.93 48.52 -6.23
CA CYS A 108 -3.19 47.66 -5.08
C CYS A 108 -3.54 48.43 -3.81
N ALA A 109 -3.35 49.75 -3.85
CA ALA A 109 -3.45 50.62 -2.67
C ALA A 109 -4.84 50.70 -2.09
N ASN A 110 -5.85 50.71 -2.95
CA ASN A 110 -7.25 50.57 -2.53
C ASN A 110 -8.13 50.27 -3.74
N PRO A 111 -8.31 48.99 -4.04
CA PRO A 111 -9.08 48.50 -5.17
C PRO A 111 -10.59 48.50 -4.95
N ALA A 112 -11.30 48.21 -6.03
CA ALA A 112 -12.77 48.08 -5.98
C ALA A 112 -13.13 46.74 -5.35
N ALA A 113 -14.30 46.66 -4.73
CA ALA A 113 -14.65 45.52 -3.89
C ALA A 113 -14.79 44.25 -4.70
N GLY A 114 -14.25 43.16 -4.17
CA GLY A 114 -14.28 41.84 -4.82
C GLY A 114 -13.24 41.64 -5.92
N SER A 115 -12.21 42.47 -5.91
CA SER A 115 -11.26 42.49 -7.03
C SER A 115 -10.06 41.63 -6.74
N VAL A 116 -9.68 40.81 -7.70
CA VAL A 116 -8.47 39.99 -7.57
C VAL A 116 -7.43 40.45 -8.60
N ILE A 117 -6.19 40.57 -8.14
CA ILE A 117 -5.12 41.06 -8.98
C ILE A 117 -4.01 40.07 -9.05
N LEU A 118 -3.49 39.83 -10.25
CA LEU A 118 -2.34 38.97 -10.43
C LEU A 118 -1.15 39.84 -10.69
N LEU A 119 -0.23 39.85 -9.74
CA LEU A 119 1.04 40.53 -9.93
C LEU A 119 1.85 39.73 -10.90
N GLU A 120 2.87 40.37 -11.43
CA GLU A 120 3.73 39.73 -12.38
C GLU A 120 4.70 38.85 -11.64
N ASN A 121 5.39 38.04 -12.41
CA ASN A 121 6.39 37.09 -11.95
C ASN A 121 7.47 37.70 -11.05
N LEU A 122 7.63 37.13 -9.86
CA LEU A 122 8.54 37.64 -8.84
C LEU A 122 10.01 37.43 -9.15
N ARG A 123 10.28 36.46 -10.00
CA ARG A 123 11.64 36.05 -10.27
C ARG A 123 12.28 36.88 -11.35
N PHE A 124 11.65 38.00 -11.67
CA PHE A 124 12.23 38.97 -12.58
C PHE A 124 13.15 39.90 -11.81
N HIS A 125 13.10 39.79 -10.49
CA HIS A 125 13.89 40.62 -9.62
C HIS A 125 14.85 39.74 -8.82
N VAL A 126 16.07 40.22 -8.66
CA VAL A 126 17.11 39.48 -7.95
C VAL A 126 16.78 39.34 -6.48
N GLU A 127 15.87 40.18 -6.00
CA GLU A 127 15.55 40.27 -4.59
C GLU A 127 14.62 39.18 -4.08
N GLU A 128 14.00 38.42 -4.99
CA GLU A 128 13.21 37.30 -4.58
C GLU A 128 14.12 36.23 -4.00
N GLU A 129 15.01 35.69 -4.83
CA GLU A 129 15.76 34.49 -4.44
C GLU A 129 16.70 34.57 -3.22
N GLY A 130 17.46 35.65 -2.99
CA GLY A 130 17.75 36.69 -3.95
C GLY A 130 19.21 36.57 -4.37
N LYS A 131 19.37 35.92 -5.50
CA LYS A 131 20.63 35.64 -6.13
C LYS A 131 20.19 35.46 -7.56
N GLY A 132 21.07 35.61 -8.51
CA GLY A 132 20.65 35.48 -9.87
C GLY A 132 21.79 35.58 -10.83
N LYS A 133 21.42 35.61 -12.08
CA LYS A 133 22.37 35.68 -13.13
C LYS A 133 22.15 36.98 -13.86
N ASP A 134 23.24 37.62 -14.23
CA ASP A 134 23.15 38.81 -15.04
C ASP A 134 23.22 38.45 -16.53
N ALA A 135 23.32 39.48 -17.36
CA ALA A 135 23.38 39.32 -18.81
C ALA A 135 24.58 38.51 -19.29
N SER A 136 25.69 38.63 -18.58
CA SER A 136 26.88 37.81 -18.79
C SER A 136 26.63 36.32 -18.57
N GLY A 137 25.73 36.01 -17.65
CA GLY A 137 25.56 34.64 -17.16
C GLY A 137 26.39 34.45 -15.91
N ASN A 138 26.84 35.57 -15.35
CA ASN A 138 27.59 35.57 -14.11
C ASN A 138 26.63 35.59 -12.95
N LYS A 139 26.75 34.59 -12.10
CA LYS A 139 25.89 34.47 -10.95
C LYS A 139 26.22 35.63 -10.03
N VAL A 140 25.18 36.31 -9.58
CA VAL A 140 25.36 37.38 -8.63
C VAL A 140 24.28 37.34 -7.56
N LYS A 141 24.53 38.12 -6.53
CA LYS A 141 23.65 38.20 -5.39
C LYS A 141 23.15 39.61 -5.28
N ALA A 142 21.96 39.72 -4.70
CA ALA A 142 21.28 40.99 -4.59
C ALA A 142 21.78 41.67 -3.35
N GLU A 143 21.65 42.98 -3.32
CA GLU A 143 22.17 43.76 -2.22
C GLU A 143 21.23 43.63 -1.03
N PRO A 144 21.79 43.41 0.16
CA PRO A 144 21.02 43.35 1.39
C PRO A 144 20.00 44.46 1.51
N ALA A 145 20.39 45.70 1.23
CA ALA A 145 19.50 46.85 1.40
C ALA A 145 18.32 46.80 0.43
N LYS A 146 18.60 46.44 -0.81
CA LYS A 146 17.58 46.36 -1.87
C LYS A 146 16.60 45.25 -1.63
N ILE A 147 17.10 44.13 -1.10
CA ILE A 147 16.26 42.98 -0.79
C ILE A 147 15.17 43.39 0.14
N GLU A 148 15.58 44.22 1.08
CA GLU A 148 14.76 44.63 2.17
C GLU A 148 13.71 45.70 1.71
N ALA A 149 14.09 46.50 0.72
CA ALA A 149 13.15 47.40 0.05
C ALA A 149 12.08 46.61 -0.72
N PHE A 150 12.48 45.47 -1.28
CA PHE A 150 11.59 44.62 -2.05
C PHE A 150 10.44 44.12 -1.21
N ARG A 151 10.75 43.78 0.04
CA ARG A 151 9.79 43.19 0.97
C ARG A 151 8.83 44.23 1.53
N ALA A 152 9.33 45.44 1.74
CA ALA A 152 8.49 46.56 2.17
C ALA A 152 7.50 46.92 1.09
N SER A 153 7.89 46.74 -0.17
CA SER A 153 6.99 46.97 -1.32
C SER A 153 5.78 46.05 -1.34
N LEU A 154 6.02 44.77 -1.06
CA LEU A 154 4.95 43.78 -1.05
C LEU A 154 3.94 44.10 0.05
N SER A 155 4.45 44.58 1.16
CA SER A 155 3.63 44.79 2.34
C SER A 155 2.61 45.93 2.17
N LYS A 156 2.77 46.78 1.17
CA LYS A 156 1.74 47.80 0.94
C LYS A 156 0.60 47.27 0.12
N LEU A 157 0.76 46.05 -0.40
CA LEU A 157 -0.23 45.45 -1.31
C LEU A 157 -1.42 44.82 -0.60
N GLY A 158 -1.33 44.64 0.70
CA GLY A 158 -2.41 44.03 1.46
C GLY A 158 -2.30 44.30 2.94
N ASP A 159 -3.41 44.09 3.64
CA ASP A 159 -3.50 44.29 5.09
C ASP A 159 -3.22 43.00 5.86
N VAL A 160 -3.55 41.89 5.22
CA VAL A 160 -3.25 40.60 5.80
C VAL A 160 -2.56 39.80 4.75
N TYR A 161 -1.81 38.82 5.21
CA TYR A 161 -1.00 38.02 4.36
C TYR A 161 -1.52 36.62 4.52
N VAL A 162 -1.69 35.93 3.41
CA VAL A 162 -2.04 34.53 3.43
C VAL A 162 -1.05 33.80 2.56
N ASN A 163 -0.54 32.66 3.04
CA ASN A 163 0.40 31.86 2.26
C ASN A 163 -0.19 30.51 1.90
N ASP A 164 -0.45 30.31 0.60
CA ASP A 164 -1.01 29.06 0.11
C ASP A 164 -0.04 28.23 -0.73
N ALA A 165 1.15 28.76 -0.97
CA ALA A 165 2.08 28.13 -1.90
C ALA A 165 2.82 26.98 -1.23
N PHE A 166 2.16 25.84 -1.11
CA PHE A 166 2.79 24.65 -0.52
C PHE A 166 3.99 24.23 -1.36
N GLY A 167 3.83 24.38 -2.67
CA GLY A 167 4.83 23.94 -3.62
C GLY A 167 6.17 24.63 -3.50
N THR A 168 6.20 25.84 -2.97
CA THR A 168 7.44 26.60 -2.82
C THR A 168 7.77 26.82 -1.35
N ALA A 169 6.99 26.18 -0.48
CA ALA A 169 7.07 26.39 0.97
C ALA A 169 8.45 26.07 1.50
N HIS A 170 9.19 25.27 0.75
CA HIS A 170 10.54 24.87 1.12
C HIS A 170 11.61 25.89 0.75
N ARG A 171 11.24 26.97 0.10
CA ARG A 171 12.19 28.03 -0.25
C ARG A 171 11.99 29.24 0.62
N ALA A 172 13.08 29.78 1.15
CA ALA A 172 13.04 30.98 1.98
C ALA A 172 13.27 32.22 1.12
N HIS A 173 12.31 32.51 0.27
CA HIS A 173 12.40 33.67 -0.61
C HIS A 173 11.55 34.81 -0.05
N SER A 174 11.69 35.97 -0.67
CA SER A 174 11.16 37.20 -0.11
C SER A 174 9.64 37.19 0.01
N SER A 175 8.96 36.61 -0.96
CA SER A 175 7.51 36.46 -0.89
C SER A 175 7.11 35.49 0.20
N MET A 176 7.91 34.44 0.35
CA MET A 176 7.59 33.34 1.27
C MET A 176 7.75 33.68 2.74
N VAL A 177 8.86 34.34 3.08
CA VAL A 177 9.18 34.67 4.48
C VAL A 177 9.34 36.16 4.75
N GLY A 178 9.33 36.97 3.69
CA GLY A 178 9.70 38.39 3.80
C GLY A 178 8.60 39.40 4.03
N VAL A 179 7.36 39.04 3.73
CA VAL A 179 6.28 40.02 3.86
C VAL A 179 6.07 40.26 5.34
N ASN A 180 6.24 41.52 5.74
CA ASN A 180 6.07 41.91 7.11
C ASN A 180 4.69 42.49 7.27
N LEU A 181 3.80 41.69 7.79
CA LEU A 181 2.47 42.14 8.15
C LEU A 181 2.15 41.56 9.53
N PRO A 182 1.34 42.25 10.31
CA PRO A 182 1.06 41.79 11.68
C PRO A 182 0.49 40.38 11.72
N GLN A 183 -0.35 40.06 10.75
CA GLN A 183 -1.02 38.76 10.69
C GLN A 183 -0.74 37.99 9.42
N LYS A 184 -0.06 36.86 9.57
CA LYS A 184 0.33 36.02 8.46
C LYS A 184 -0.22 34.62 8.62
N ALA A 185 -1.14 34.24 7.74
CA ALA A 185 -1.98 33.07 7.93
C ALA A 185 -1.79 32.06 6.81
N GLY A 186 -1.77 30.78 7.18
CA GLY A 186 -1.64 29.70 6.21
C GLY A 186 -2.94 29.35 5.50
N GLY A 187 -2.86 29.11 4.19
CA GLY A 187 -4.01 28.81 3.36
C GLY A 187 -4.50 27.38 3.56
N PHE A 188 -5.60 27.06 2.90
CA PHE A 188 -6.21 25.71 2.98
C PHE A 188 -5.40 24.64 2.30
N LEU A 189 -4.84 25.00 1.14
CA LEU A 189 -3.96 24.10 0.41
C LEU A 189 -2.78 23.74 1.28
N MET A 190 -2.24 24.73 1.99
CA MET A 190 -1.13 24.53 2.89
C MET A 190 -1.53 23.55 3.97
N LYS A 191 -2.69 23.78 4.56
CA LYS A 191 -3.22 22.93 5.61
C LYS A 191 -3.60 21.55 5.13
N LYS A 192 -4.39 21.49 4.07
CA LYS A 192 -4.80 20.22 3.48
C LYS A 192 -3.56 19.35 3.21
N GLU A 193 -2.56 19.95 2.57
CA GLU A 193 -1.33 19.27 2.27
C GLU A 193 -0.54 18.93 3.53
N LEU A 194 -0.38 19.86 4.46
CA LEU A 194 0.44 19.57 5.64
C LEU A 194 -0.15 18.45 6.49
N ASN A 195 -1.47 18.44 6.63
CA ASN A 195 -2.17 17.36 7.31
C ASN A 195 -1.91 16.04 6.66
N TYR A 196 -2.09 15.97 5.33
CA TYR A 196 -1.93 14.71 4.64
C TYR A 196 -0.56 14.09 4.91
N PHE A 197 0.49 14.90 4.84
CA PHE A 197 1.84 14.41 5.07
C PHE A 197 2.22 14.12 6.55
N ALA A 198 1.46 14.66 7.50
CA ALA A 198 1.67 14.34 8.92
C ALA A 198 1.16 12.92 9.22
N LYS A 199 0.10 12.54 8.52
CA LYS A 199 -0.41 11.18 8.58
C LYS A 199 0.55 10.18 7.90
N ALA A 200 1.13 10.59 6.77
CA ALA A 200 1.85 9.66 5.92
C ALA A 200 3.25 9.40 6.46
N LEU A 201 3.92 10.45 6.92
CA LEU A 201 5.27 10.34 7.43
C LEU A 201 4.98 10.10 8.89
N GLU A 202 5.82 10.50 9.83
CA GLU A 202 5.57 10.17 11.25
C GLU A 202 5.40 8.66 11.58
N SER A 203 4.58 7.93 10.81
CA SER A 203 4.52 6.46 10.92
C SER A 203 4.33 5.81 9.55
N PRO A 204 5.44 5.67 8.80
CA PRO A 204 5.38 5.13 7.45
C PRO A 204 5.19 3.64 7.40
N GLU A 205 4.45 3.19 6.40
CA GLU A 205 4.38 1.78 6.10
C GLU A 205 5.70 1.37 5.49
N ARG A 206 6.18 0.18 5.87
CA ARG A 206 7.49 -0.28 5.42
C ARG A 206 7.42 -1.64 4.73
N PRO A 207 8.29 -1.86 3.72
CA PRO A 207 9.35 -0.96 3.29
C PRO A 207 8.87 0.32 2.63
N PHE A 208 9.65 1.37 2.85
CA PHE A 208 9.37 2.68 2.36
C PHE A 208 10.38 2.94 1.25
N LEU A 209 9.88 3.27 0.08
CA LEU A 209 10.71 3.54 -1.09
C LEU A 209 10.56 4.99 -1.55
N ALA A 210 11.66 5.61 -1.95
CA ALA A 210 11.62 6.98 -2.49
C ALA A 210 12.16 6.99 -3.90
N ILE A 211 11.36 7.47 -4.85
CA ILE A 211 11.79 7.53 -6.23
C ILE A 211 12.22 8.93 -6.58
N LEU A 212 13.43 9.03 -7.10
CA LEU A 212 14.01 10.31 -7.42
C LEU A 212 14.35 10.46 -8.89
N GLY A 213 13.93 11.57 -9.47
CA GLY A 213 14.13 11.82 -10.88
C GLY A 213 14.07 13.29 -11.16
N GLY A 214 13.81 13.64 -12.41
CA GLY A 214 13.64 15.03 -12.77
C GLY A 214 14.89 15.65 -13.33
N ALA A 215 14.84 16.95 -13.52
CA ALA A 215 15.91 17.70 -14.14
C ALA A 215 16.63 18.64 -13.19
N LYS A 216 16.08 18.85 -12.00
CA LYS A 216 16.70 19.75 -11.01
C LYS A 216 17.73 19.03 -10.14
N VAL A 217 18.85 18.68 -10.75
CA VAL A 217 19.86 17.86 -10.10
C VAL A 217 20.52 18.58 -8.94
N ALA A 218 21.00 19.80 -9.17
CA ALA A 218 21.84 20.54 -8.20
C ALA A 218 21.15 20.69 -6.86
N ASP A 219 19.85 21.00 -6.90
CA ASP A 219 19.04 21.19 -5.70
C ASP A 219 18.73 19.91 -4.97
N LYS A 220 18.38 18.86 -5.71
CA LYS A 220 17.74 17.67 -5.12
C LYS A 220 18.66 16.61 -4.54
N ILE A 221 19.93 16.65 -4.87
CA ILE A 221 20.94 15.77 -4.24
C ILE A 221 21.17 16.12 -2.78
N GLN A 222 21.10 17.42 -2.46
CA GLN A 222 21.37 17.88 -1.11
C GLN A 222 20.31 17.38 -0.15
N LEU A 223 19.15 17.02 -0.69
CA LEU A 223 18.06 16.43 0.09
C LEU A 223 18.34 14.98 0.46
N ILE A 224 19.07 14.28 -0.41
CA ILE A 224 19.20 12.84 -0.29
C ILE A 224 19.69 12.40 1.07
N ASN A 225 20.67 13.12 1.57
CA ASN A 225 21.39 12.68 2.75
C ASN A 225 20.48 12.47 3.95
N ASN A 226 19.58 13.42 4.18
CA ASN A 226 18.65 13.33 5.30
C ASN A 226 17.49 12.37 4.99
N MET A 227 17.25 12.14 3.70
CA MET A 227 16.28 11.14 3.24
C MET A 227 16.76 9.73 3.57
N LEU A 228 18.06 9.54 3.54
CA LEU A 228 18.64 8.21 3.79
C LEU A 228 18.35 7.69 5.19
N ASP A 229 18.14 8.61 6.13
CA ASP A 229 17.75 8.28 7.49
C ASP A 229 16.28 7.92 7.65
N LYS A 230 15.43 8.24 6.67
CA LYS A 230 13.98 7.99 6.78
C LYS A 230 13.38 6.94 5.84
N VAL A 231 14.11 6.52 4.83
CA VAL A 231 13.57 5.53 3.90
C VAL A 231 14.34 4.24 3.96
N ASN A 232 13.71 3.18 3.44
CA ASN A 232 14.37 1.88 3.29
C ASN A 232 15.01 1.67 1.93
N GLU A 233 14.39 2.18 0.88
CA GLU A 233 14.94 1.99 -0.46
C GLU A 233 14.89 3.26 -1.25
N MET A 234 15.77 3.37 -2.24
CA MET A 234 15.77 4.54 -3.11
C MET A 234 16.05 4.22 -4.58
N ILE A 235 15.13 4.64 -5.44
CA ILE A 235 15.41 4.62 -6.87
C ILE A 235 15.84 6.00 -7.25
N ILE A 236 16.99 6.08 -7.88
CA ILE A 236 17.55 7.33 -8.36
C ILE A 236 17.76 7.24 -9.86
N GLY A 237 16.79 7.76 -10.60
CA GLY A 237 16.83 7.77 -12.05
C GLY A 237 16.64 9.19 -12.51
N GLY A 238 16.43 9.36 -13.81
CA GLY A 238 16.22 10.69 -14.35
C GLY A 238 17.54 11.35 -14.51
N GLY A 239 17.55 12.68 -14.53
CA GLY A 239 18.79 13.45 -14.72
C GLY A 239 19.77 13.28 -13.58
N MET A 240 19.27 12.84 -12.44
CA MET A 240 20.08 12.60 -11.26
C MET A 240 21.12 11.54 -11.57
N ALA A 241 20.71 10.55 -12.36
CA ALA A 241 21.42 9.28 -12.53
C ALA A 241 22.86 9.40 -13.02
N PHE A 242 23.07 10.36 -13.91
CA PHE A 242 24.36 10.54 -14.57
C PHE A 242 25.42 11.11 -13.63
N THR A 243 25.00 11.97 -12.70
CA THR A 243 25.94 12.56 -11.78
C THR A 243 26.51 11.46 -10.91
N PHE A 244 25.65 10.54 -10.50
CA PHE A 244 26.04 9.37 -9.70
C PHE A 244 27.01 8.44 -10.44
N LEU A 245 26.61 8.07 -11.65
CA LEU A 245 27.32 7.06 -12.45
C LEU A 245 28.69 7.47 -12.92
N LYS A 246 28.90 8.76 -13.18
CA LYS A 246 30.22 9.20 -13.59
C LYS A 246 31.23 9.06 -12.47
N VAL A 247 30.83 9.44 -11.26
CA VAL A 247 31.68 9.32 -10.09
C VAL A 247 31.93 7.87 -9.73
N LEU A 248 30.84 7.12 -9.62
CA LEU A 248 30.87 5.75 -9.10
C LEU A 248 31.59 4.77 -9.98
N ASN A 249 31.43 4.93 -11.29
CA ASN A 249 32.00 3.98 -12.26
C ASN A 249 32.83 4.62 -13.34
N ASN A 250 33.14 5.91 -13.21
CA ASN A 250 33.91 6.59 -14.24
C ASN A 250 33.31 6.22 -15.57
N MET A 251 31.99 6.41 -15.64
CA MET A 251 31.22 6.17 -16.84
C MET A 251 31.31 7.41 -17.71
N GLU A 252 31.01 7.23 -18.99
CA GLU A 252 30.92 8.33 -19.90
C GLU A 252 29.47 8.65 -20.21
N ILE A 253 29.10 9.90 -19.98
CA ILE A 253 27.70 10.31 -19.98
C ILE A 253 27.36 11.30 -21.10
N GLY A 254 28.31 11.62 -21.95
CA GLY A 254 28.08 12.56 -23.07
C GLY A 254 27.67 13.98 -22.68
N THR A 255 26.54 14.44 -23.19
CA THR A 255 26.05 15.81 -22.99
C THR A 255 24.96 15.86 -21.92
N SER A 256 24.93 14.82 -21.10
CA SER A 256 23.86 14.64 -20.13
C SER A 256 24.01 15.64 -18.99
N LEU A 257 22.94 15.85 -18.22
CA LEU A 257 23.02 16.77 -17.09
C LEU A 257 24.04 16.26 -16.07
N PHE A 258 24.88 17.18 -15.61
CA PHE A 258 25.90 16.86 -14.65
C PHE A 258 25.92 17.96 -13.62
N ASP A 259 26.05 17.58 -12.36
CA ASP A 259 26.21 18.57 -11.30
C ASP A 259 27.54 18.30 -10.65
N GLU A 260 28.44 19.26 -10.78
CA GLU A 260 29.79 19.11 -10.28
C GLU A 260 29.87 19.12 -8.77
N GLU A 261 29.16 20.06 -8.14
CA GLU A 261 29.12 20.16 -6.69
C GLU A 261 28.46 18.94 -6.09
N GLY A 262 27.42 18.46 -6.77
CA GLY A 262 26.73 17.26 -6.36
C GLY A 262 27.65 16.05 -6.40
N ALA A 263 28.56 16.06 -7.37
CA ALA A 263 29.46 14.94 -7.60
C ALA A 263 30.46 14.79 -6.48
N LYS A 264 30.60 15.81 -5.67
CA LYS A 264 31.53 15.77 -4.54
C LYS A 264 31.03 14.95 -3.37
N ILE A 265 29.74 14.66 -3.33
CA ILE A 265 29.14 13.95 -2.20
C ILE A 265 28.60 12.58 -2.56
N VAL A 266 28.77 12.14 -3.80
CA VAL A 266 28.15 10.90 -4.25
C VAL A 266 28.66 9.67 -3.50
N LYS A 267 29.95 9.63 -3.23
CA LYS A 267 30.53 8.50 -2.53
C LYS A 267 30.04 8.35 -1.10
N ASP A 268 29.94 9.48 -0.43
CA ASP A 268 29.50 9.53 0.97
C ASP A 268 28.07 9.08 1.11
N LEU A 269 27.26 9.53 0.15
CA LEU A 269 25.86 9.17 0.03
C LEU A 269 25.68 7.68 -0.17
N MET A 270 26.57 7.06 -0.94
CA MET A 270 26.50 5.62 -1.16
C MET A 270 26.85 4.87 0.11
N SER A 271 27.88 5.36 0.77
CA SER A 271 28.41 4.70 1.97
C SER A 271 27.47 4.81 3.15
N LYS A 272 26.80 5.94 3.29
CA LYS A 272 25.77 6.07 4.31
C LYS A 272 24.59 5.14 4.02
N ALA A 273 24.29 4.94 2.75
CA ALA A 273 23.24 4.02 2.36
C ALA A 273 23.59 2.60 2.79
N GLU A 274 24.85 2.24 2.62
CA GLU A 274 25.35 0.94 3.05
C GLU A 274 25.25 0.77 4.55
N LYS A 275 25.79 1.79 5.23
CA LYS A 275 25.79 1.87 6.66
C LYS A 275 24.37 1.63 7.19
N ASN A 276 23.41 2.34 6.63
CA ASN A 276 22.01 2.19 7.04
C ASN A 276 21.26 1.04 6.35
N GLY A 277 21.89 0.35 5.41
CA GLY A 277 21.18 -0.66 4.65
C GLY A 277 19.98 -0.13 3.87
N VAL A 278 20.22 0.89 3.06
CA VAL A 278 19.21 1.36 2.11
C VAL A 278 19.62 0.93 0.71
N LYS A 279 18.77 0.17 0.06
CA LYS A 279 19.07 -0.31 -1.27
C LYS A 279 18.90 0.83 -2.26
N ILE A 280 19.98 1.11 -2.99
CA ILE A 280 19.96 2.15 -4.00
C ILE A 280 19.84 1.55 -5.39
N THR A 281 18.80 1.93 -6.12
CA THR A 281 18.61 1.38 -7.44
C THR A 281 18.90 2.45 -8.47
N LEU A 282 19.77 2.10 -9.42
CA LEU A 282 20.13 3.00 -10.51
C LEU A 282 19.86 2.34 -11.85
N PRO A 283 19.85 3.15 -12.91
CA PRO A 283 19.63 2.67 -14.26
C PRO A 283 20.83 1.94 -14.84
N VAL A 284 20.58 0.86 -15.55
CA VAL A 284 21.66 0.12 -16.23
C VAL A 284 21.73 0.37 -17.73
N ASP A 285 20.71 1.01 -18.28
CA ASP A 285 20.66 1.28 -19.72
C ASP A 285 19.76 2.46 -20.02
N PHE A 286 20.05 3.17 -21.10
CA PHE A 286 19.39 4.43 -21.39
C PHE A 286 18.90 4.49 -22.82
N VAL A 287 18.07 5.48 -23.08
CA VAL A 287 17.66 5.83 -24.42
C VAL A 287 18.29 7.17 -24.69
N THR A 288 19.01 7.32 -25.80
CA THR A 288 19.82 8.53 -26.01
C THR A 288 19.38 9.41 -27.20
N ALA A 289 19.87 10.66 -27.17
CA ALA A 289 19.50 11.68 -28.14
C ALA A 289 20.68 12.59 -28.49
N ASP A 290 20.76 13.01 -29.74
CA ASP A 290 21.85 13.91 -30.20
C ASP A 290 21.59 15.42 -30.04
N LYS A 291 20.34 15.82 -29.84
CA LYS A 291 20.06 17.20 -29.41
C LYS A 291 18.92 17.17 -28.41
N PHE A 292 18.74 18.28 -27.71
CA PHE A 292 17.67 18.34 -26.74
C PHE A 292 16.37 18.64 -27.45
N ASP A 293 15.79 17.63 -28.08
CA ASP A 293 14.62 17.86 -28.92
C ASP A 293 13.65 16.70 -28.98
N GLU A 294 12.38 17.06 -29.11
CA GLU A 294 11.32 16.08 -29.33
C GLU A 294 11.70 15.23 -30.53
N ASN A 295 12.22 15.89 -31.55
CA ASN A 295 12.45 15.29 -32.86
C ASN A 295 13.91 15.02 -33.18
N ALA A 296 14.66 14.65 -32.16
CA ALA A 296 16.06 14.32 -32.32
C ALA A 296 16.15 12.88 -32.77
N LYS A 297 17.32 12.52 -33.29
CA LYS A 297 17.67 11.13 -33.60
C LYS A 297 17.88 10.32 -32.32
N THR A 298 17.33 9.12 -32.29
CA THR A 298 17.38 8.25 -31.11
C THR A 298 18.54 7.26 -31.12
N GLY A 299 18.87 6.78 -29.93
CA GLY A 299 20.06 5.96 -29.71
C GLY A 299 19.93 5.17 -28.43
N GLN A 300 20.79 4.16 -28.26
CA GLN A 300 20.69 3.18 -27.18
C GLN A 300 22.04 3.09 -26.51
N ALA A 301 22.04 2.83 -25.20
CA ALA A 301 23.28 2.79 -24.43
C ALA A 301 23.14 2.06 -23.10
N THR A 302 24.29 1.72 -22.53
CA THR A 302 24.37 0.98 -21.26
C THR A 302 25.34 1.70 -20.33
N VAL A 303 25.36 1.27 -19.08
CA VAL A 303 26.36 1.79 -18.16
C VAL A 303 27.73 1.35 -18.65
N ALA A 304 27.83 0.08 -19.03
CA ALA A 304 29.06 -0.49 -19.54
C ALA A 304 29.48 0.16 -20.86
N SER A 305 28.52 0.33 -21.77
CA SER A 305 28.79 0.95 -23.08
C SER A 305 29.23 2.41 -22.98
N GLY A 306 28.55 3.15 -22.12
CA GLY A 306 28.77 4.56 -21.97
C GLY A 306 27.94 5.29 -22.99
N ILE A 307 27.86 6.61 -22.84
CA ILE A 307 27.12 7.44 -23.78
C ILE A 307 28.11 8.22 -24.65
N PRO A 308 27.94 8.13 -25.98
CA PRO A 308 28.81 8.76 -26.98
C PRO A 308 28.86 10.28 -26.92
N ALA A 309 30.03 10.82 -27.25
CA ALA A 309 30.30 12.24 -27.07
C ALA A 309 29.33 13.10 -27.84
N GLY A 310 28.74 14.09 -27.16
CA GLY A 310 27.75 14.97 -27.78
C GLY A 310 26.34 14.40 -27.80
N TRP A 311 26.13 13.28 -27.11
CA TRP A 311 24.82 12.64 -26.97
C TRP A 311 24.39 12.68 -25.52
N MET A 312 23.08 12.67 -25.29
CA MET A 312 22.55 12.75 -23.94
C MET A 312 21.47 11.72 -23.70
N GLY A 313 21.36 11.27 -22.46
CA GLY A 313 20.35 10.28 -22.09
C GLY A 313 19.11 10.97 -21.55
N LEU A 314 18.00 10.85 -22.27
CA LEU A 314 16.77 11.52 -21.90
C LEU A 314 15.71 10.57 -21.35
N ASP A 315 16.02 9.27 -21.38
CA ASP A 315 15.14 8.28 -20.79
C ASP A 315 15.95 7.05 -20.42
N CYS A 316 15.34 6.21 -19.59
CA CYS A 316 15.99 5.01 -19.10
C CYS A 316 15.50 3.78 -19.84
N GLY A 317 16.40 2.82 -20.00
CA GLY A 317 16.16 1.66 -20.82
C GLY A 317 15.25 0.64 -20.18
N PRO A 318 14.87 -0.40 -20.95
CA PRO A 318 13.94 -1.45 -20.55
C PRO A 318 14.45 -2.38 -19.46
N GLU A 319 15.75 -2.63 -19.44
CA GLU A 319 16.38 -3.38 -18.34
C GLU A 319 16.34 -2.60 -17.04
N SER A 320 16.47 -1.28 -17.15
CA SER A 320 16.37 -0.38 -16.01
C SER A 320 14.99 -0.37 -15.38
N SER A 321 13.96 -0.34 -16.22
CA SER A 321 12.57 -0.38 -15.77
C SER A 321 12.23 -1.69 -15.09
N LYS A 322 12.91 -2.74 -15.52
CA LYS A 322 12.78 -4.08 -14.94
C LYS A 322 13.19 -4.09 -13.46
N LYS A 323 14.28 -3.39 -13.17
CA LYS A 323 14.81 -3.29 -11.82
C LYS A 323 13.92 -2.43 -10.93
N TYR A 324 13.57 -1.26 -11.44
CA TYR A 324 12.74 -0.36 -10.65
C TYR A 324 11.54 -1.14 -10.17
N ALA A 325 10.90 -1.85 -11.12
CA ALA A 325 9.69 -2.61 -10.85
C ALA A 325 9.85 -3.66 -9.74
N GLU A 326 11.05 -4.17 -9.53
CA GLU A 326 11.31 -5.10 -8.42
C GLU A 326 11.19 -4.36 -7.08
N ALA A 327 11.68 -3.12 -7.08
CA ALA A 327 11.64 -2.25 -5.92
C ALA A 327 10.24 -1.88 -5.55
N VAL A 328 9.46 -1.52 -6.54
CA VAL A 328 8.06 -1.12 -6.34
C VAL A 328 7.26 -2.25 -5.69
N THR A 329 7.54 -3.47 -6.12
CA THR A 329 6.80 -4.64 -5.67
C THR A 329 7.08 -4.95 -4.20
N ARG A 330 8.31 -4.66 -3.77
CA ARG A 330 8.70 -4.85 -2.37
C ARG A 330 8.07 -3.85 -1.41
N ALA A 331 7.86 -2.62 -1.87
CA ALA A 331 7.54 -1.50 -0.99
C ALA A 331 6.07 -1.41 -0.61
N LYS A 332 5.81 -0.86 0.58
CA LYS A 332 4.46 -0.62 1.09
C LYS A 332 4.11 0.86 1.23
N GLN A 333 5.09 1.72 0.98
CA GLN A 333 4.83 3.13 0.79
C GLN A 333 5.80 3.67 -0.21
N ILE A 334 5.35 4.57 -1.06
CA ILE A 334 6.19 5.08 -2.12
C ILE A 334 5.99 6.55 -2.25
N VAL A 335 7.09 7.28 -2.35
CA VAL A 335 7.07 8.70 -2.63
C VAL A 335 7.85 8.91 -3.93
N TRP A 336 7.21 9.52 -4.91
CA TRP A 336 7.84 9.73 -6.20
C TRP A 336 7.82 11.21 -6.56
N ASN A 337 9.01 11.75 -6.80
CA ASN A 337 9.15 13.09 -7.34
C ASN A 337 10.13 13.14 -8.50
N GLY A 338 9.69 13.68 -9.62
CA GLY A 338 10.56 13.81 -10.77
C GLY A 338 10.44 12.60 -11.68
N PRO A 339 10.09 12.82 -12.95
CA PRO A 339 10.06 11.75 -13.90
C PRO A 339 11.44 11.20 -14.21
N VAL A 340 11.48 9.92 -14.58
CA VAL A 340 12.73 9.24 -14.93
C VAL A 340 13.19 9.52 -16.36
N GLY A 341 12.36 10.23 -17.11
CA GLY A 341 12.65 10.53 -18.49
C GLY A 341 11.80 11.72 -18.91
N VAL A 342 11.98 12.16 -20.15
CA VAL A 342 11.24 13.31 -20.65
C VAL A 342 9.88 12.85 -21.17
N PHE A 343 8.90 12.81 -20.28
CA PHE A 343 7.61 12.15 -20.55
C PHE A 343 6.77 12.88 -21.60
N GLU A 344 7.08 14.16 -21.79
CA GLU A 344 6.37 15.03 -22.73
C GLU A 344 6.64 14.68 -24.19
N TRP A 345 7.83 14.17 -24.47
CA TRP A 345 8.21 13.75 -25.82
C TRP A 345 8.11 12.24 -25.93
N GLU A 346 7.42 11.79 -26.97
CA GLU A 346 7.01 10.39 -27.10
C GLU A 346 8.14 9.37 -27.19
N ALA A 347 9.28 9.79 -27.71
CA ALA A 347 10.42 8.87 -27.84
C ALA A 347 11.05 8.53 -26.47
N PHE A 348 10.86 9.42 -25.51
CA PHE A 348 11.48 9.30 -24.20
C PHE A 348 10.50 9.09 -23.07
N ALA A 349 9.23 8.87 -23.38
CA ALA A 349 8.19 8.63 -22.35
C ALA A 349 7.99 7.14 -22.02
N ARG A 350 8.76 6.28 -22.65
CA ARG A 350 8.57 4.86 -22.47
C ARG A 350 8.76 4.45 -21.01
N GLY A 351 9.86 4.90 -20.43
CA GLY A 351 10.29 4.48 -19.08
C GLY A 351 9.38 4.96 -17.97
N THR A 352 9.02 6.23 -18.07
CA THR A 352 8.13 6.88 -17.12
C THR A 352 6.76 6.23 -17.12
N LYS A 353 6.30 5.87 -18.31
CA LYS A 353 5.01 5.24 -18.48
C LYS A 353 4.99 3.91 -17.76
N ALA A 354 6.06 3.14 -17.92
CA ALA A 354 6.17 1.81 -17.31
C ALA A 354 6.14 1.94 -15.81
N LEU A 355 6.84 2.96 -15.32
CA LEU A 355 6.99 3.15 -13.89
C LEU A 355 5.64 3.45 -13.24
N MET A 356 4.90 4.34 -13.86
CA MET A 356 3.58 4.69 -13.36
C MET A 356 2.65 3.50 -13.37
N ASP A 357 2.73 2.71 -14.44
CA ASP A 357 1.89 1.54 -14.57
C ASP A 357 2.08 0.63 -13.38
N GLU A 358 3.33 0.46 -12.96
CA GLU A 358 3.66 -0.35 -11.79
C GLU A 358 3.19 0.29 -10.50
N VAL A 359 3.33 1.60 -10.41
CA VAL A 359 2.88 2.31 -9.21
C VAL A 359 1.37 2.18 -9.02
N VAL A 360 0.63 2.08 -10.12
CA VAL A 360 -0.83 1.92 -10.04
C VAL A 360 -1.26 0.55 -9.50
N LYS A 361 -0.59 -0.50 -9.95
CA LYS A 361 -0.84 -1.85 -9.45
C LYS A 361 -0.52 -1.90 -7.98
N ALA A 362 0.56 -1.22 -7.62
CA ALA A 362 1.01 -1.19 -6.23
C ALA A 362 -0.09 -0.67 -5.32
N THR A 363 -0.77 0.39 -5.73
CA THR A 363 -1.85 0.94 -4.93
C THR A 363 -3.02 -0.04 -4.80
N SER A 364 -3.18 -0.93 -5.79
CA SER A 364 -4.24 -1.95 -5.77
C SER A 364 -4.05 -2.98 -4.67
N ARG A 365 -2.80 -3.31 -4.36
CA ARG A 365 -2.49 -4.29 -3.31
C ARG A 365 -2.37 -3.63 -1.92
N GLY A 366 -2.66 -2.34 -1.85
CA GLY A 366 -2.75 -1.63 -0.58
C GLY A 366 -1.52 -0.82 -0.22
N CYS A 367 -0.55 -0.78 -1.12
CA CYS A 367 0.61 0.08 -0.94
C CYS A 367 0.20 1.54 -1.12
N ILE A 368 0.78 2.41 -0.30
CA ILE A 368 0.44 3.83 -0.33
C ILE A 368 1.39 4.57 -1.23
N THR A 369 0.84 5.33 -2.15
CA THR A 369 1.63 5.99 -3.16
C THR A 369 1.38 7.48 -3.20
N ILE A 370 2.48 8.22 -3.12
CA ILE A 370 2.43 9.67 -3.25
C ILE A 370 3.31 10.10 -4.40
N ILE A 371 2.69 10.75 -5.38
CA ILE A 371 3.43 11.37 -6.48
C ILE A 371 3.24 12.86 -6.32
N GLY A 372 4.35 13.56 -6.16
CA GLY A 372 4.32 14.98 -5.88
C GLY A 372 5.21 15.73 -6.83
N GLY A 373 4.74 16.89 -7.28
CA GLY A 373 5.56 17.81 -8.08
C GLY A 373 4.89 18.29 -9.34
N GLY A 374 5.25 19.49 -9.77
CA GLY A 374 4.60 20.15 -10.89
C GLY A 374 4.64 19.41 -12.22
N ASP A 375 5.79 18.84 -12.54
CA ASP A 375 5.96 18.03 -13.76
C ASP A 375 5.58 16.56 -13.54
N THR A 376 5.90 16.04 -12.35
CA THR A 376 5.60 14.64 -12.01
C THR A 376 4.12 14.41 -11.79
N ALA A 377 3.44 15.47 -11.36
CA ALA A 377 1.98 15.44 -11.24
C ALA A 377 1.32 15.41 -12.62
N THR A 378 1.94 16.07 -13.59
CA THR A 378 1.38 16.20 -14.90
C THR A 378 1.32 14.86 -15.60
N CYS A 379 2.15 13.93 -15.16
CA CYS A 379 2.11 12.57 -15.69
C CYS A 379 0.74 11.99 -15.43
N CYS A 380 0.26 12.19 -14.21
CA CYS A 380 -1.02 11.63 -13.78
C CYS A 380 -2.15 12.13 -14.66
N ALA A 381 -2.16 13.43 -14.89
CA ALA A 381 -3.15 14.11 -15.71
C ALA A 381 -3.11 13.62 -17.15
N LYS A 382 -1.90 13.39 -17.66
CA LYS A 382 -1.72 12.97 -19.02
C LYS A 382 -2.24 11.57 -19.25
N TRP A 383 -2.03 10.69 -18.27
CA TRP A 383 -2.38 9.27 -18.39
C TRP A 383 -3.58 8.87 -17.55
N ASN A 384 -4.26 9.89 -17.02
CA ASN A 384 -5.45 9.71 -16.21
C ASN A 384 -5.33 8.77 -15.00
N THR A 385 -4.24 8.88 -14.26
CA THR A 385 -4.04 8.03 -13.10
C THR A 385 -4.18 8.79 -11.79
N GLU A 386 -4.87 9.92 -11.84
CA GLU A 386 -4.97 10.82 -10.70
C GLU A 386 -5.73 10.23 -9.51
N ASP A 387 -6.83 9.55 -9.81
CA ASP A 387 -7.65 8.92 -8.78
C ASP A 387 -7.24 7.46 -8.58
N LYS A 388 -6.22 7.03 -9.31
CA LYS A 388 -5.69 5.69 -9.19
C LYS A 388 -4.55 5.58 -8.19
N VAL A 389 -4.07 6.71 -7.70
CA VAL A 389 -3.00 6.68 -6.71
C VAL A 389 -3.47 7.32 -5.43
N SER A 390 -2.80 6.97 -4.34
CA SER A 390 -3.26 7.34 -3.00
C SER A 390 -3.33 8.83 -2.80
N HIS A 391 -2.41 9.56 -3.39
CA HIS A 391 -2.40 11.01 -3.25
C HIS A 391 -1.60 11.65 -4.35
N VAL A 392 -2.11 12.74 -4.90
CA VAL A 392 -1.33 13.52 -5.86
C VAL A 392 -1.11 14.91 -5.30
N SER A 393 0.15 15.27 -5.15
CA SER A 393 0.49 16.48 -4.42
C SER A 393 1.04 17.56 -5.31
N THR A 394 0.80 18.79 -4.87
CA THR A 394 1.15 20.00 -5.61
C THR A 394 2.65 20.37 -5.49
N GLY A 395 3.32 19.87 -4.44
CA GLY A 395 4.72 20.17 -4.23
C GLY A 395 5.52 18.90 -4.37
N GLY A 396 6.71 19.01 -4.98
CA GLY A 396 7.60 17.87 -5.14
C GLY A 396 8.83 18.01 -4.28
N GLY A 397 9.60 19.05 -4.55
CA GLY A 397 10.76 19.36 -3.73
C GLY A 397 10.36 19.64 -2.28
N ALA A 398 9.20 20.26 -2.12
CA ALA A 398 8.66 20.60 -0.79
C ALA A 398 8.31 19.36 0.03
N SER A 399 7.70 18.38 -0.62
CA SER A 399 7.34 17.12 0.02
C SER A 399 8.56 16.34 0.50
N LEU A 400 9.62 16.39 -0.29
CA LEU A 400 10.86 15.69 0.07
C LEU A 400 11.53 16.34 1.28
N GLU A 401 11.41 17.65 1.36
CA GLU A 401 11.97 18.40 2.48
C GLU A 401 11.24 18.15 3.80
N LEU A 402 9.96 17.79 3.71
CA LEU A 402 9.22 17.32 4.90
C LEU A 402 9.73 15.97 5.34
N LEU A 403 10.17 15.19 4.37
CA LEU A 403 10.64 13.84 4.59
C LEU A 403 11.97 13.79 5.36
N GLU A 404 12.81 14.81 5.17
CA GLU A 404 14.08 14.92 5.92
C GLU A 404 13.93 15.20 7.41
N GLY A 405 12.96 16.02 7.79
CA GLY A 405 12.80 16.39 9.20
C GLY A 405 12.84 17.88 9.47
N LYS A 406 13.45 18.66 8.57
CA LYS A 406 13.47 20.12 8.74
C LYS A 406 12.08 20.69 8.48
N VAL A 407 11.70 21.67 9.31
CA VAL A 407 10.47 22.42 9.08
C VAL A 407 10.68 23.31 7.88
N LEU A 408 9.57 23.62 7.19
CA LEU A 408 9.63 24.43 5.99
C LEU A 408 9.76 25.90 6.32
N PRO A 409 10.64 26.61 5.59
CA PRO A 409 10.79 28.04 5.75
C PRO A 409 9.48 28.81 5.67
N GLY A 410 8.59 28.40 4.76
CA GLY A 410 7.29 29.05 4.55
C GLY A 410 6.38 28.93 5.76
N VAL A 411 6.35 27.75 6.36
CA VAL A 411 5.54 27.51 7.55
C VAL A 411 6.15 28.09 8.84
N ASP A 412 7.47 28.02 9.01
CA ASP A 412 8.10 28.61 10.21
C ASP A 412 7.86 30.13 10.30
N ALA A 413 7.71 30.78 9.15
CA ALA A 413 7.42 32.21 9.08
C ALA A 413 5.95 32.63 9.27
N LEU A 414 5.02 31.68 9.45
CA LEU A 414 3.61 32.03 9.74
C LEU A 414 3.45 32.51 11.21
N SER A 415 2.37 33.23 11.51
CA SER A 415 2.19 33.75 12.87
C SER A 415 1.90 32.64 13.86
N ASN A 416 2.06 32.91 15.16
CA ASN A 416 1.79 31.92 16.22
C ASN A 416 0.67 32.39 17.13
N MET B 3 -10.55 -11.35 -9.15
CA MET B 3 -9.37 -10.43 -9.31
C MET B 3 -9.66 -9.43 -10.49
N SER B 4 -8.89 -9.65 -11.59
CA SER B 4 -8.91 -8.83 -12.80
C SER B 4 -10.30 -8.85 -13.39
N ASN B 5 -11.16 -7.89 -13.18
CA ASN B 5 -12.45 -7.78 -13.90
C ASN B 5 -13.57 -7.67 -12.86
N LYS B 6 -13.20 -7.93 -11.62
CA LYS B 6 -14.09 -7.76 -10.49
C LYS B 6 -13.69 -6.50 -9.74
N LEU B 7 -14.69 -5.88 -9.12
CA LEU B 7 -14.53 -4.60 -8.43
C LEU B 7 -13.59 -4.74 -7.28
N THR B 8 -12.75 -3.73 -7.08
CA THR B 8 -11.81 -3.75 -5.97
C THR B 8 -11.89 -2.49 -5.12
N LEU B 9 -11.33 -2.61 -3.93
CA LEU B 9 -11.42 -1.57 -2.92
C LEU B 9 -10.86 -0.26 -3.44
N ASP B 10 -9.74 -0.35 -4.17
CA ASP B 10 -9.06 0.82 -4.72
C ASP B 10 -9.95 1.56 -5.73
N LYS B 11 -10.75 0.78 -6.45
CA LYS B 11 -11.69 1.33 -7.43
C LYS B 11 -12.97 1.83 -6.76
N LEU B 12 -13.12 1.49 -5.49
CA LEU B 12 -14.38 1.74 -4.80
C LEU B 12 -14.40 3.15 -4.24
N ASP B 13 -15.60 3.71 -4.12
CA ASP B 13 -15.78 4.99 -3.49
C ASP B 13 -16.46 4.78 -2.14
N VAL B 14 -15.77 5.19 -1.08
CA VAL B 14 -16.28 4.96 0.28
C VAL B 14 -16.57 6.24 1.05
N LYS B 15 -16.38 7.38 0.42
CA LYS B 15 -16.54 8.64 1.15
C LYS B 15 -18.00 8.85 1.55
N GLY B 16 -18.22 8.90 2.86
CA GLY B 16 -19.56 9.15 3.43
C GLY B 16 -20.48 7.94 3.47
N LYS B 17 -19.93 6.76 3.18
CA LYS B 17 -20.71 5.54 3.09
C LYS B 17 -20.29 4.58 4.16
N ARG B 18 -21.23 3.80 4.65
CA ARG B 18 -20.91 2.78 5.62
C ARG B 18 -20.45 1.55 4.86
N VAL B 19 -19.43 0.91 5.38
CA VAL B 19 -18.82 -0.23 4.75
C VAL B 19 -19.06 -1.44 5.61
N VAL B 20 -19.60 -2.49 5.03
CA VAL B 20 -19.69 -3.75 5.74
C VAL B 20 -18.57 -4.61 5.20
N MET B 21 -17.70 -5.11 6.06
CA MET B 21 -16.53 -5.85 5.62
C MET B 21 -16.42 -7.25 6.21
N ARG B 22 -16.27 -8.24 5.33
CA ARG B 22 -16.06 -9.61 5.77
C ARG B 22 -14.57 -9.86 5.98
N VAL B 23 -14.17 -10.18 7.21
CA VAL B 23 -12.76 -10.48 7.49
C VAL B 23 -12.59 -11.86 8.07
N ASP B 24 -11.37 -12.41 7.91
CA ASP B 24 -11.02 -13.66 8.56
C ASP B 24 -10.24 -13.39 9.84
N PHE B 25 -10.97 -13.33 10.95
CA PHE B 25 -10.40 -13.02 12.25
C PHE B 25 -10.47 -14.28 13.07
N ASN B 26 -10.50 -15.41 12.39
CA ASN B 26 -10.49 -16.70 13.03
C ASN B 26 -9.07 -17.07 13.44
N VAL B 27 -8.69 -16.56 14.61
CA VAL B 27 -7.34 -16.61 15.13
C VAL B 27 -7.20 -17.72 16.17
N PRO B 28 -5.97 -18.18 16.37
CA PRO B 28 -5.73 -19.21 17.38
C PRO B 28 -5.93 -18.68 18.80
N MET B 29 -6.55 -19.52 19.63
CA MET B 29 -6.84 -19.19 21.02
C MET B 29 -6.27 -20.27 21.93
N LYS B 30 -5.61 -19.85 23.00
CA LYS B 30 -5.26 -20.75 24.09
C LYS B 30 -5.70 -20.19 25.40
N ASN B 31 -6.58 -20.94 26.09
CA ASN B 31 -7.10 -20.52 27.40
C ASN B 31 -7.78 -19.17 27.35
N ASN B 32 -8.47 -18.91 26.24
CA ASN B 32 -9.30 -17.72 26.10
C ASN B 32 -8.51 -16.48 25.65
N GLN B 33 -7.29 -16.69 25.17
CA GLN B 33 -6.40 -15.57 24.84
C GLN B 33 -5.70 -15.81 23.51
N ILE B 34 -5.40 -14.72 22.82
CA ILE B 34 -4.83 -14.77 21.47
C ILE B 34 -3.37 -15.21 21.48
N THR B 35 -3.04 -16.10 20.56
CA THR B 35 -1.68 -16.60 20.42
C THR B 35 -1.00 -16.07 19.18
N ASN B 36 -1.76 -15.70 18.17
CA ASN B 36 -1.21 -15.07 16.96
C ASN B 36 -2.21 -14.07 16.42
N ASN B 37 -1.71 -12.96 15.88
CA ASN B 37 -2.56 -11.92 15.32
C ASN B 37 -2.30 -11.54 13.86
N GLN B 38 -1.61 -12.40 13.12
CA GLN B 38 -1.34 -12.15 11.69
C GLN B 38 -2.63 -11.94 10.89
N ARG B 39 -3.62 -12.77 11.16
CA ARG B 39 -4.87 -12.78 10.41
C ARG B 39 -5.60 -11.46 10.60
N ILE B 40 -5.51 -10.98 11.84
CA ILE B 40 -6.00 -9.67 12.25
C ILE B 40 -5.17 -8.56 11.61
N LYS B 41 -3.86 -8.69 11.79
CA LYS B 41 -2.88 -7.72 11.34
C LYS B 41 -2.97 -7.51 9.82
N ALA B 42 -3.22 -8.61 9.11
CA ALA B 42 -3.30 -8.62 7.65
C ALA B 42 -4.46 -7.79 7.09
N ALA B 43 -5.54 -7.67 7.86
CA ALA B 43 -6.75 -6.98 7.40
C ALA B 43 -6.71 -5.46 7.60
N VAL B 44 -5.71 -4.97 8.32
CA VAL B 44 -5.65 -3.56 8.69
C VAL B 44 -5.53 -2.57 7.52
N PRO B 45 -4.73 -2.90 6.49
CA PRO B 45 -4.61 -1.98 5.38
C PRO B 45 -5.94 -1.63 4.74
N SER B 46 -6.81 -2.62 4.60
CA SER B 46 -8.11 -2.41 4.01
C SER B 46 -9.04 -1.58 4.92
N ILE B 47 -8.98 -1.85 6.22
CA ILE B 47 -9.80 -1.13 7.19
C ILE B 47 -9.40 0.36 7.20
N LYS B 48 -8.10 0.62 7.28
CA LYS B 48 -7.58 2.00 7.33
C LYS B 48 -7.91 2.80 6.10
N PHE B 49 -7.86 2.11 4.97
CA PHE B 49 -8.10 2.74 3.70
C PHE B 49 -9.42 3.47 3.77
N CYS B 50 -10.42 2.73 4.24
CA CYS B 50 -11.79 3.23 4.32
C CYS B 50 -11.90 4.41 5.26
N LEU B 51 -11.22 4.31 6.40
CA LEU B 51 -11.19 5.41 7.39
C LEU B 51 -10.49 6.66 6.85
N ASP B 52 -9.40 6.45 6.12
CA ASP B 52 -8.62 7.58 5.56
C ASP B 52 -9.33 8.23 4.41
N ASN B 53 -10.18 7.49 3.72
CA ASN B 53 -10.81 8.00 2.52
C ASN B 53 -12.16 8.59 2.80
N GLY B 54 -12.48 8.71 4.08
CA GLY B 54 -13.67 9.41 4.50
C GLY B 54 -14.89 8.53 4.70
N ALA B 55 -14.65 7.24 4.92
CA ALA B 55 -15.74 6.30 5.18
C ALA B 55 -16.38 6.57 6.52
N LYS B 56 -17.70 6.59 6.52
CA LYS B 56 -18.47 6.93 7.71
C LYS B 56 -18.25 5.90 8.82
N SER B 57 -18.34 4.63 8.44
CA SER B 57 -18.09 3.54 9.35
C SER B 57 -17.64 2.29 8.62
N VAL B 58 -16.95 1.42 9.35
CA VAL B 58 -16.55 0.12 8.87
C VAL B 58 -17.11 -0.93 9.83
N VAL B 59 -18.03 -1.76 9.34
CA VAL B 59 -18.61 -2.81 10.16
C VAL B 59 -17.98 -4.14 9.80
N LEU B 60 -17.45 -4.83 10.80
CA LEU B 60 -16.60 -6.02 10.60
C LEU B 60 -17.25 -7.34 10.99
N MET B 61 -17.36 -8.24 10.03
CA MET B 61 -18.01 -9.50 10.29
C MET B 61 -17.00 -10.63 10.08
N SER B 62 -17.06 -11.60 10.97
CA SER B 62 -16.07 -12.65 10.98
C SER B 62 -16.57 -13.79 11.83
N HIS B 63 -15.79 -14.85 11.85
CA HIS B 63 -16.17 -16.01 12.61
C HIS B 63 -15.00 -16.59 13.35
N LEU B 64 -15.30 -17.27 14.45
CA LEU B 64 -14.31 -17.93 15.25
C LEU B 64 -14.73 -19.37 15.47
N GLY B 65 -13.87 -20.31 15.06
CA GLY B 65 -14.03 -21.73 15.39
C GLY B 65 -15.25 -22.38 14.76
N ARG B 66 -15.71 -23.48 15.36
CA ARG B 66 -16.91 -24.15 14.89
C ARG B 66 -17.90 -24.40 16.03
N PRO B 67 -18.71 -23.37 16.33
CA PRO B 67 -19.78 -23.43 17.31
C PRO B 67 -21.04 -24.12 16.81
N ASP B 68 -21.00 -24.66 15.58
CA ASP B 68 -22.01 -25.57 15.05
C ASP B 68 -23.42 -24.98 15.05
N GLY B 69 -23.51 -23.65 14.96
CA GLY B 69 -24.80 -22.97 14.82
C GLY B 69 -25.45 -22.55 16.11
N VAL B 70 -24.83 -22.93 17.23
CA VAL B 70 -25.30 -22.60 18.58
C VAL B 70 -24.34 -21.58 19.21
N PRO B 71 -24.84 -20.66 20.05
CA PRO B 71 -24.00 -19.62 20.60
C PRO B 71 -23.19 -20.04 21.80
N MET B 72 -21.87 -19.88 21.74
CA MET B 72 -21.00 -20.19 22.88
C MET B 72 -20.09 -19.02 23.24
N PRO B 73 -20.66 -18.00 23.90
CA PRO B 73 -19.89 -16.79 24.24
C PRO B 73 -18.73 -17.06 25.21
N ASP B 74 -18.87 -18.12 26.00
CA ASP B 74 -17.84 -18.52 26.95
C ASP B 74 -16.58 -19.00 26.23
N LYS B 75 -16.77 -19.66 25.10
CA LYS B 75 -15.67 -20.26 24.34
C LYS B 75 -15.31 -19.52 23.07
N TYR B 76 -16.26 -19.48 22.14
CA TYR B 76 -16.01 -18.98 20.82
C TYR B 76 -16.53 -17.58 20.64
N SER B 77 -16.22 -16.70 21.58
CA SER B 77 -16.57 -15.29 21.44
C SER B 77 -15.46 -14.49 20.79
N LEU B 78 -15.85 -13.39 20.15
CA LEU B 78 -14.96 -12.60 19.33
C LEU B 78 -14.56 -11.30 20.05
N GLU B 79 -14.83 -11.24 21.35
CA GLU B 79 -14.64 -10.01 22.14
C GLU B 79 -13.17 -9.67 22.43
N PRO B 80 -12.32 -10.69 22.51
CA PRO B 80 -10.91 -10.52 22.82
C PRO B 80 -10.09 -10.01 21.64
N VAL B 81 -10.80 -9.68 20.58
CA VAL B 81 -10.24 -9.62 19.24
C VAL B 81 -9.92 -8.26 18.55
N ALA B 82 -10.80 -7.24 18.46
CA ALA B 82 -11.77 -6.74 19.44
C ALA B 82 -11.00 -5.89 20.42
N VAL B 83 -10.03 -6.50 21.09
CA VAL B 83 -9.12 -5.78 21.99
C VAL B 83 -7.76 -5.58 21.31
N GLU B 84 -7.37 -6.56 20.51
CA GLU B 84 -6.14 -6.49 19.79
C GLU B 84 -6.29 -5.48 18.67
N LEU B 85 -7.50 -5.42 18.13
CA LEU B 85 -7.74 -4.56 17.01
C LEU B 85 -7.57 -3.11 17.37
N LYS B 86 -7.71 -2.73 18.65
CA LYS B 86 -7.44 -1.33 19.07
C LYS B 86 -5.99 -0.98 18.84
N SER B 87 -5.14 -1.91 19.28
CA SER B 87 -3.70 -1.73 19.31
C SER B 87 -3.12 -1.60 17.92
N LEU B 88 -3.57 -2.45 17.03
CA LEU B 88 -3.09 -2.46 15.65
C LEU B 88 -3.70 -1.27 14.91
N LEU B 89 -4.95 -1.01 15.23
CA LEU B 89 -5.74 0.11 14.64
C LEU B 89 -5.30 1.42 15.15
N GLY B 90 -5.05 1.47 16.45
CA GLY B 90 -4.82 2.74 17.10
C GLY B 90 -6.12 3.51 17.27
N LYS B 91 -7.25 2.84 17.09
CA LYS B 91 -8.55 3.49 17.20
C LYS B 91 -9.52 2.69 18.03
N ASP B 92 -10.43 3.41 18.67
CA ASP B 92 -11.42 2.78 19.54
C ASP B 92 -12.39 1.91 18.73
N VAL B 93 -12.47 0.66 19.17
CA VAL B 93 -13.25 -0.36 18.51
C VAL B 93 -14.41 -0.68 19.41
N LEU B 94 -15.56 -0.89 18.81
CA LEU B 94 -16.77 -1.07 19.57
C LEU B 94 -17.34 -2.45 19.31
N PHE B 95 -17.49 -3.23 20.36
CA PHE B 95 -17.87 -4.63 20.20
C PHE B 95 -19.31 -4.92 20.59
N LEU B 96 -20.01 -5.61 19.69
CA LEU B 96 -21.42 -5.99 19.88
C LEU B 96 -21.56 -7.50 20.11
N LYS B 97 -22.54 -7.87 20.93
CA LYS B 97 -22.72 -9.28 21.39
C LYS B 97 -23.68 -10.05 20.48
N ASP B 98 -23.94 -9.52 19.30
CA ASP B 98 -24.68 -10.26 18.29
C ASP B 98 -24.40 -9.62 16.95
N CYS B 99 -24.72 -10.31 15.87
CA CYS B 99 -24.53 -9.76 14.52
C CYS B 99 -25.84 -9.39 13.86
N VAL B 100 -26.94 -9.65 14.58
CA VAL B 100 -28.28 -9.36 14.08
C VAL B 100 -29.24 -9.22 15.27
N GLY B 101 -30.31 -8.45 15.15
CA GLY B 101 -30.60 -7.60 13.98
C GLY B 101 -31.05 -6.22 14.43
N PRO B 102 -32.34 -6.08 14.79
CA PRO B 102 -32.94 -4.75 15.03
C PRO B 102 -32.14 -3.90 16.03
N GLU B 103 -31.70 -4.54 17.11
CA GLU B 103 -30.79 -3.91 18.06
C GLU B 103 -29.39 -3.63 17.49
N VAL B 104 -28.87 -4.61 16.78
CA VAL B 104 -27.59 -4.47 16.11
C VAL B 104 -27.68 -3.53 14.92
N GLU B 105 -28.82 -3.55 14.24
CA GLU B 105 -29.08 -2.68 13.09
C GLU B 105 -29.19 -1.23 13.50
N LYS B 106 -29.65 -1.07 14.72
CA LYS B 106 -29.80 0.23 15.34
C LYS B 106 -28.44 0.93 15.44
N ALA B 107 -27.47 0.23 16.01
CA ALA B 107 -26.14 0.75 16.16
C ALA B 107 -25.49 1.03 14.80
N CYS B 108 -25.71 0.12 13.85
CA CYS B 108 -25.04 0.18 12.55
C CYS B 108 -25.74 1.09 11.54
N ALA B 109 -26.97 1.48 11.89
CA ALA B 109 -27.88 2.18 10.97
C ALA B 109 -27.43 3.57 10.55
N ASN B 110 -26.76 4.27 11.45
CA ASN B 110 -26.03 5.50 11.10
C ASN B 110 -25.11 5.92 12.25
N PRO B 111 -23.86 5.43 12.23
CA PRO B 111 -22.88 5.67 13.27
C PRO B 111 -22.19 7.02 13.19
N ALA B 112 -21.38 7.29 14.21
CA ALA B 112 -20.54 8.51 14.27
C ALA B 112 -19.34 8.34 13.36
N ALA B 113 -18.85 9.44 12.81
CA ALA B 113 -17.85 9.37 11.75
C ALA B 113 -16.54 8.77 12.23
N GLY B 114 -15.95 7.92 11.39
CA GLY B 114 -14.70 7.22 11.70
C GLY B 114 -14.84 6.01 12.63
N SER B 115 -16.06 5.49 12.76
CA SER B 115 -16.35 4.45 13.76
C SER B 115 -16.28 3.06 13.18
N VAL B 116 -15.56 2.17 13.85
CA VAL B 116 -15.48 0.78 13.44
C VAL B 116 -16.18 -0.10 14.47
N ILE B 117 -16.97 -1.04 13.98
CA ILE B 117 -17.76 -1.90 14.82
C ILE B 117 -17.43 -3.33 14.52
N LEU B 118 -17.24 -4.12 15.59
CA LEU B 118 -17.05 -5.55 15.46
C LEU B 118 -18.34 -6.22 15.85
N LEU B 119 -18.97 -6.86 14.86
CA LEU B 119 -20.13 -7.67 15.11
C LEU B 119 -19.64 -8.93 15.76
N GLU B 120 -20.57 -9.63 16.38
CA GLU B 120 -20.24 -10.85 17.07
C GLU B 120 -20.11 -11.97 16.05
N ASN B 121 -19.60 -13.08 16.54
CA ASN B 121 -19.37 -14.27 15.76
C ASN B 121 -20.59 -14.78 14.97
N LEU B 122 -20.40 -14.97 13.67
CA LEU B 122 -21.49 -15.31 12.75
C LEU B 122 -21.98 -16.73 12.89
N ARG B 123 -21.14 -17.59 13.44
CA ARG B 123 -21.42 -19.02 13.48
C ARG B 123 -22.26 -19.41 14.69
N PHE B 124 -22.82 -18.40 15.32
CA PHE B 124 -23.77 -18.62 16.40
C PHE B 124 -25.14 -18.84 15.82
N HIS B 125 -25.25 -18.61 14.53
CA HIS B 125 -26.51 -18.76 13.83
C HIS B 125 -26.37 -19.86 12.76
N VAL B 126 -27.42 -20.65 12.62
CA VAL B 126 -27.43 -21.75 11.67
C VAL B 126 -27.40 -21.22 10.26
N GLU B 127 -27.78 -19.97 10.09
CA GLU B 127 -27.97 -19.39 8.78
C GLU B 127 -26.68 -18.95 8.11
N GLU B 128 -25.58 -18.95 8.84
CA GLU B 128 -24.29 -18.73 8.20
C GLU B 128 -23.94 -19.89 7.28
N GLU B 129 -23.73 -21.07 7.87
CA GLU B 129 -23.13 -22.18 7.13
C GLU B 129 -23.91 -22.73 5.91
N GLY B 130 -25.25 -22.85 5.91
CA GLY B 130 -26.10 -22.80 7.08
C GLY B 130 -26.62 -24.21 7.36
N LYS B 131 -25.89 -24.88 8.22
CA LYS B 131 -26.15 -26.24 8.66
C LYS B 131 -25.50 -26.21 10.02
N GLY B 132 -25.91 -27.09 10.92
CA GLY B 132 -25.35 -27.02 12.25
C GLY B 132 -25.78 -28.16 13.10
N LYS B 133 -25.42 -28.06 14.35
CA LYS B 133 -25.79 -29.06 15.30
C LYS B 133 -26.67 -28.41 16.34
N ASP B 134 -27.68 -29.13 16.77
CA ASP B 134 -28.50 -28.67 17.88
C ASP B 134 -27.97 -29.20 19.20
N ALA B 135 -28.74 -28.97 20.26
CA ALA B 135 -28.37 -29.33 21.62
C ALA B 135 -28.17 -30.84 21.77
N SER B 136 -28.94 -31.61 21.01
CA SER B 136 -28.77 -33.05 20.97
C SER B 136 -27.44 -33.49 20.36
N GLY B 137 -26.89 -32.67 19.46
CA GLY B 137 -25.72 -33.06 18.67
C GLY B 137 -26.19 -33.64 17.34
N ASN B 138 -27.47 -33.40 17.05
CA ASN B 138 -28.05 -33.83 15.79
C ASN B 138 -27.78 -32.78 14.77
N LYS B 139 -27.17 -33.19 13.68
CA LYS B 139 -26.86 -32.27 12.61
C LYS B 139 -28.15 -31.86 11.96
N VAL B 140 -28.31 -30.56 11.78
CA VAL B 140 -29.50 -30.03 11.13
C VAL B 140 -29.14 -28.90 10.19
N LYS B 141 -30.12 -28.56 9.37
CA LYS B 141 -29.96 -27.53 8.37
C LYS B 141 -30.93 -26.43 8.69
N ALA B 142 -30.56 -25.23 8.26
CA ALA B 142 -31.35 -24.03 8.51
C ALA B 142 -32.40 -23.93 7.45
N GLU B 143 -33.46 -23.20 7.78
CA GLU B 143 -34.58 -23.10 6.86
C GLU B 143 -34.27 -22.12 5.73
N PRO B 144 -34.63 -22.51 4.51
CA PRO B 144 -34.40 -21.65 3.37
C PRO B 144 -34.85 -20.21 3.64
N ALA B 145 -36.06 -20.06 4.18
CA ALA B 145 -36.63 -18.72 4.40
C ALA B 145 -35.85 -17.88 5.41
N LYS B 146 -35.41 -18.53 6.48
CA LYS B 146 -34.63 -17.86 7.54
C LYS B 146 -33.23 -17.48 7.09
N ILE B 147 -32.62 -18.33 6.28
CA ILE B 147 -31.28 -18.07 5.74
C ILE B 147 -31.31 -16.74 5.05
N GLU B 148 -32.37 -16.57 4.31
CA GLU B 148 -32.54 -15.47 3.40
C GLU B 148 -32.80 -14.17 4.23
N ALA B 149 -33.48 -14.32 5.36
CA ALA B 149 -33.68 -13.21 6.29
C ALA B 149 -32.36 -12.76 6.92
N PHE B 150 -31.48 -13.72 7.12
CA PHE B 150 -30.16 -13.50 7.72
C PHE B 150 -29.32 -12.56 6.87
N ARG B 151 -29.46 -12.74 5.56
CA ARG B 151 -28.67 -12.00 4.58
C ARG B 151 -29.17 -10.57 4.41
N ALA B 152 -30.48 -10.42 4.48
CA ALA B 152 -31.12 -9.12 4.40
C ALA B 152 -30.80 -8.30 5.65
N SER B 153 -30.54 -8.98 6.77
CA SER B 153 -30.09 -8.30 7.98
C SER B 153 -28.72 -7.68 7.85
N LEU B 154 -27.80 -8.41 7.23
CA LEU B 154 -26.44 -7.94 7.05
C LEU B 154 -26.42 -6.70 6.16
N SER B 155 -27.26 -6.74 5.13
CA SER B 155 -27.24 -5.71 4.12
C SER B 155 -27.68 -4.34 4.65
N LYS B 156 -28.28 -4.29 5.83
CA LYS B 156 -28.63 -2.98 6.38
C LYS B 156 -27.46 -2.36 7.10
N LEU B 157 -26.40 -3.14 7.29
CA LEU B 157 -25.27 -2.73 8.10
C LEU B 157 -24.28 -1.85 7.36
N GLY B 158 -24.45 -1.76 6.05
CA GLY B 158 -23.57 -0.93 5.26
C GLY B 158 -24.16 -0.59 3.91
N ASP B 159 -23.52 0.35 3.24
CA ASP B 159 -23.92 0.80 1.91
C ASP B 159 -23.13 0.11 0.83
N VAL B 160 -21.88 -0.22 1.16
CA VAL B 160 -21.02 -0.95 0.28
C VAL B 160 -20.51 -2.14 1.05
N TYR B 161 -20.11 -3.15 0.31
CA TYR B 161 -19.65 -4.39 0.87
C TYR B 161 -18.24 -4.59 0.39
N VAL B 162 -17.35 -4.88 1.32
CA VAL B 162 -15.98 -5.21 0.98
C VAL B 162 -15.69 -6.59 1.56
N ASN B 163 -15.06 -7.46 0.76
CA ASN B 163 -14.67 -8.78 1.24
C ASN B 163 -13.17 -8.93 1.27
N ASP B 164 -12.63 -9.09 2.48
CA ASP B 164 -11.21 -9.23 2.69
C ASP B 164 -10.82 -10.59 3.24
N ALA B 165 -11.80 -11.44 3.52
CA ALA B 165 -11.51 -12.72 4.15
C ALA B 165 -11.02 -13.74 3.12
N PHE B 166 -9.74 -13.66 2.77
CA PHE B 166 -9.15 -14.63 1.86
C PHE B 166 -9.20 -16.04 2.47
N GLY B 167 -9.04 -16.10 3.79
CA GLY B 167 -8.97 -17.35 4.51
C GLY B 167 -10.23 -18.17 4.50
N THR B 168 -11.37 -17.54 4.27
CA THR B 168 -12.65 -18.23 4.22
C THR B 168 -13.25 -18.18 2.82
N ALA B 169 -12.51 -17.60 1.89
CA ALA B 169 -13.01 -17.28 0.55
C ALA B 169 -13.56 -18.53 -0.13
N HIS B 170 -13.04 -19.68 0.29
CA HIS B 170 -13.42 -20.98 -0.25
C HIS B 170 -14.74 -21.53 0.25
N ARG B 171 -15.38 -20.84 1.20
CA ARG B 171 -16.67 -21.26 1.72
C ARG B 171 -17.77 -20.37 1.19
N ALA B 172 -18.87 -20.98 0.77
CA ALA B 172 -20.02 -20.23 0.26
C ALA B 172 -21.04 -20.01 1.36
N HIS B 173 -20.66 -19.23 2.36
CA HIS B 173 -21.51 -18.91 3.50
C HIS B 173 -22.16 -17.55 3.32
N SER B 174 -23.13 -17.28 4.18
CA SER B 174 -24.01 -16.13 4.00
C SER B 174 -23.29 -14.78 4.00
N SER B 175 -22.26 -14.66 4.82
CA SER B 175 -21.43 -13.44 4.84
C SER B 175 -20.56 -13.34 3.59
N MET B 176 -20.10 -14.48 3.11
CA MET B 176 -19.19 -14.53 1.96
C MET B 176 -19.86 -14.23 0.64
N VAL B 177 -21.03 -14.84 0.40
CA VAL B 177 -21.75 -14.74 -0.90
C VAL B 177 -23.17 -14.15 -0.80
N GLY B 178 -23.65 -13.95 0.41
CA GLY B 178 -25.03 -13.59 0.62
C GLY B 178 -25.38 -12.12 0.71
N VAL B 179 -24.43 -11.27 1.01
CA VAL B 179 -24.77 -9.87 1.22
C VAL B 179 -25.18 -9.33 -0.13
N ASN B 180 -26.40 -8.80 -0.18
CA ASN B 180 -26.89 -8.21 -1.39
C ASN B 180 -26.76 -6.71 -1.31
N LEU B 181 -25.73 -6.20 -1.94
CA LEU B 181 -25.54 -4.78 -2.06
C LEU B 181 -25.17 -4.53 -3.51
N PRO B 182 -25.54 -3.35 -4.03
CA PRO B 182 -25.23 -3.04 -5.43
C PRO B 182 -23.76 -3.18 -5.78
N GLN B 183 -22.89 -2.77 -4.86
CA GLN B 183 -21.45 -2.81 -5.09
C GLN B 183 -20.71 -3.66 -4.07
N LYS B 184 -20.07 -4.71 -4.57
CA LYS B 184 -19.32 -5.64 -3.74
C LYS B 184 -17.88 -5.76 -4.21
N ALA B 185 -16.96 -5.33 -3.37
CA ALA B 185 -15.56 -5.10 -3.76
C ALA B 185 -14.61 -5.95 -2.97
N GLY B 186 -13.59 -6.46 -3.65
CA GLY B 186 -12.56 -7.25 -2.98
C GLY B 186 -11.54 -6.38 -2.27
N GLY B 187 -11.11 -6.85 -1.10
CA GLY B 187 -10.10 -6.15 -0.30
C GLY B 187 -8.68 -6.37 -0.79
N PHE B 188 -7.75 -5.65 -0.17
CA PHE B 188 -6.34 -5.70 -0.53
C PHE B 188 -5.71 -7.04 -0.20
N LEU B 189 -6.03 -7.57 0.97
CA LEU B 189 -5.56 -8.88 1.38
C LEU B 189 -5.98 -9.92 0.36
N MET B 190 -7.21 -9.81 -0.10
CA MET B 190 -7.77 -10.70 -1.10
C MET B 190 -6.93 -10.60 -2.36
N LYS B 191 -6.70 -9.36 -2.80
CA LYS B 191 -5.90 -9.10 -4.00
C LYS B 191 -4.45 -9.55 -3.82
N LYS B 192 -3.86 -9.12 -2.70
CA LYS B 192 -2.49 -9.47 -2.37
C LYS B 192 -2.26 -10.97 -2.59
N GLU B 193 -3.16 -11.80 -2.08
CA GLU B 193 -2.97 -13.26 -2.18
C GLU B 193 -3.06 -13.78 -3.61
N LEU B 194 -4.19 -13.52 -4.25
CA LEU B 194 -4.44 -14.08 -5.59
C LEU B 194 -3.40 -13.62 -6.62
N ASN B 195 -2.81 -12.44 -6.42
CA ASN B 195 -1.65 -12.05 -7.23
C ASN B 195 -0.52 -13.08 -7.10
N TYR B 196 -0.21 -13.44 -5.87
CA TYR B 196 0.87 -14.36 -5.58
C TYR B 196 0.55 -15.73 -6.13
N PHE B 197 -0.65 -16.23 -5.86
CA PHE B 197 -1.03 -17.58 -6.31
C PHE B 197 -1.35 -17.65 -7.80
N ALA B 198 -1.55 -16.49 -8.43
CA ALA B 198 -1.73 -16.40 -9.87
C ALA B 198 -0.43 -16.78 -10.56
N LYS B 199 0.67 -16.14 -10.13
CA LYS B 199 2.01 -16.42 -10.66
C LYS B 199 2.56 -17.74 -10.19
N ALA B 200 2.33 -18.06 -8.92
CA ALA B 200 2.89 -19.28 -8.32
C ALA B 200 2.36 -20.55 -9.00
N LEU B 201 1.04 -20.65 -9.12
CA LEU B 201 0.40 -21.88 -9.59
C LEU B 201 0.28 -22.13 -11.06
N GLU B 202 -0.14 -21.17 -11.82
CA GLU B 202 -0.24 -21.29 -13.27
C GLU B 202 1.02 -21.83 -13.98
N SER B 203 2.17 -21.66 -13.34
CA SER B 203 3.44 -22.24 -13.83
C SER B 203 4.32 -22.65 -12.66
N PRO B 204 4.06 -23.86 -12.09
CA PRO B 204 4.79 -24.30 -10.92
C PRO B 204 6.15 -24.87 -11.21
N GLU B 205 7.09 -24.60 -10.32
CA GLU B 205 8.39 -25.23 -10.38
C GLU B 205 8.18 -26.68 -10.01
N ARG B 206 8.91 -27.56 -10.68
CA ARG B 206 8.75 -28.99 -10.47
C ARG B 206 10.08 -29.68 -10.11
N PRO B 207 10.03 -30.75 -9.28
CA PRO B 207 8.83 -31.35 -8.73
C PRO B 207 8.08 -30.47 -7.74
N PHE B 208 6.76 -30.63 -7.76
CA PHE B 208 5.85 -29.88 -6.92
C PHE B 208 5.34 -30.87 -5.88
N LEU B 209 5.51 -30.50 -4.62
CA LEU B 209 5.10 -31.31 -3.49
C LEU B 209 4.04 -30.59 -2.66
N ALA B 210 3.04 -31.33 -2.22
CA ALA B 210 2.01 -30.77 -1.34
C ALA B 210 2.05 -31.52 -0.01
N ILE B 211 2.13 -30.78 1.08
CA ILE B 211 2.14 -31.40 2.40
C ILE B 211 0.81 -31.18 3.07
N LEU B 212 0.23 -32.27 3.52
CA LEU B 212 -1.09 -32.25 4.09
C LEU B 212 -1.07 -32.76 5.51
N GLY B 213 -1.76 -32.02 6.37
CA GLY B 213 -1.79 -32.33 7.78
C GLY B 213 -2.98 -31.65 8.41
N GLY B 214 -2.92 -31.49 9.72
CA GLY B 214 -3.96 -30.79 10.42
C GLY B 214 -4.99 -31.72 11.02
N ALA B 215 -6.06 -31.12 11.52
CA ALA B 215 -7.10 -31.83 12.25
C ALA B 215 -8.42 -31.85 11.51
N LYS B 216 -8.56 -31.04 10.46
CA LYS B 216 -9.81 -30.98 9.70
C LYS B 216 -9.88 -32.02 8.61
N VAL B 217 -10.01 -33.27 9.02
CA VAL B 217 -9.93 -34.40 8.10
C VAL B 217 -11.09 -34.47 7.10
N ALA B 218 -12.31 -34.37 7.61
CA ALA B 218 -13.52 -34.56 6.78
C ALA B 218 -13.56 -33.63 5.57
N ASP B 219 -13.19 -32.37 5.80
CA ASP B 219 -13.16 -31.35 4.76
C ASP B 219 -12.05 -31.52 3.74
N LYS B 220 -10.85 -31.84 4.22
CA LYS B 220 -9.65 -31.72 3.39
C LYS B 220 -9.34 -32.87 2.43
N ILE B 221 -9.91 -34.03 2.70
CA ILE B 221 -9.76 -35.18 1.80
C ILE B 221 -10.44 -34.94 0.47
N GLN B 222 -11.57 -34.25 0.50
CA GLN B 222 -12.34 -34.00 -0.71
C GLN B 222 -11.57 -33.11 -1.67
N LEU B 223 -10.59 -32.40 -1.14
CA LEU B 223 -9.70 -31.59 -1.97
C LEU B 223 -8.69 -32.45 -2.72
N ILE B 224 -8.26 -33.54 -2.09
CA ILE B 224 -7.10 -34.31 -2.57
C ILE B 224 -7.19 -34.68 -4.04
N ASN B 225 -8.38 -35.10 -4.44
CA ASN B 225 -8.57 -35.68 -5.74
C ASN B 225 -8.12 -34.76 -6.86
N ASN B 226 -8.57 -33.52 -6.80
CA ASN B 226 -8.28 -32.54 -7.83
C ASN B 226 -6.83 -32.05 -7.69
N MET B 227 -6.29 -32.19 -6.48
CA MET B 227 -4.89 -31.86 -6.19
C MET B 227 -3.96 -32.83 -6.89
N LEU B 228 -4.43 -34.07 -7.01
CA LEU B 228 -3.63 -35.13 -7.65
C LEU B 228 -3.28 -34.85 -9.11
N ASP B 229 -4.14 -34.09 -9.77
CA ASP B 229 -3.91 -33.64 -11.15
C ASP B 229 -2.91 -32.49 -11.27
N LYS B 230 -2.59 -31.81 -10.17
CA LYS B 230 -1.73 -30.62 -10.24
C LYS B 230 -0.37 -30.73 -9.55
N VAL B 231 -0.17 -31.77 -8.73
CA VAL B 231 1.11 -31.91 -8.03
C VAL B 231 1.84 -33.14 -8.46
N ASN B 232 3.14 -33.18 -8.18
CA ASN B 232 3.96 -34.38 -8.40
C ASN B 232 4.08 -35.31 -7.21
N GLU B 233 4.12 -34.75 -6.01
CA GLU B 233 4.27 -35.57 -4.81
C GLU B 233 3.36 -35.09 -3.71
N MET B 234 3.00 -36.01 -2.83
CA MET B 234 2.18 -35.65 -1.68
C MET B 234 2.61 -36.33 -0.39
N ILE B 235 2.84 -35.51 0.63
CA ILE B 235 2.97 -36.00 1.99
C ILE B 235 1.65 -35.81 2.69
N ILE B 236 1.12 -36.90 3.21
CA ILE B 236 -0.12 -36.89 3.94
C ILE B 236 0.18 -37.37 5.33
N GLY B 237 0.30 -36.43 6.24
CA GLY B 237 0.54 -36.74 7.65
C GLY B 237 -0.50 -36.02 8.46
N GLY B 238 -0.30 -35.96 9.78
CA GLY B 238 -1.24 -35.28 10.67
C GLY B 238 -2.42 -36.17 10.89
N GLY B 239 -3.56 -35.57 11.22
CA GLY B 239 -4.78 -36.34 11.50
C GLY B 239 -5.35 -37.03 10.28
N MET B 240 -4.89 -36.60 9.11
CA MET B 240 -5.28 -37.20 7.85
C MET B 240 -4.84 -38.65 7.78
N ALA B 241 -3.65 -38.89 8.33
CA ALA B 241 -2.88 -40.11 8.13
C ALA B 241 -3.60 -41.38 8.53
N PHE B 242 -4.38 -41.31 9.61
CA PHE B 242 -5.04 -42.48 10.19
C PHE B 242 -6.22 -42.96 9.34
N THR B 243 -6.90 -42.03 8.69
CA THR B 243 -8.04 -42.40 7.85
C THR B 243 -7.53 -43.24 6.67
N PHE B 244 -6.38 -42.85 6.16
CA PHE B 244 -5.73 -43.57 5.07
C PHE B 244 -5.27 -44.96 5.51
N LEU B 245 -4.54 -45.01 6.61
CA LEU B 245 -3.90 -46.24 7.05
C LEU B 245 -4.84 -47.36 7.46
N LYS B 246 -5.99 -47.01 8.03
CA LYS B 246 -6.94 -48.03 8.45
C LYS B 246 -7.54 -48.77 7.27
N VAL B 247 -7.86 -48.02 6.23
CA VAL B 247 -8.42 -48.61 4.99
C VAL B 247 -7.37 -49.40 4.23
N LEU B 248 -6.23 -48.74 4.02
CA LEU B 248 -5.15 -49.27 3.21
C LEU B 248 -4.51 -50.48 3.81
N ASN B 249 -4.30 -50.46 5.14
CA ASN B 249 -3.58 -51.54 5.82
C ASN B 249 -4.34 -52.24 6.96
N ASN B 250 -5.63 -51.96 7.09
CA ASN B 250 -6.39 -52.55 8.17
C ASN B 250 -5.48 -52.46 9.40
N MET B 251 -5.03 -51.23 9.64
CA MET B 251 -4.25 -50.89 10.80
C MET B 251 -5.20 -50.58 11.93
N GLU B 252 -4.66 -50.59 13.12
CA GLU B 252 -5.39 -50.18 14.29
C GLU B 252 -4.91 -48.84 14.78
N ILE B 253 -5.85 -47.92 14.93
CA ILE B 253 -5.51 -46.52 15.13
C ILE B 253 -6.00 -45.98 16.47
N GLY B 254 -6.56 -46.85 17.30
CA GLY B 254 -7.04 -46.43 18.63
C GLY B 254 -8.14 -45.34 18.64
N THR B 255 -7.85 -44.24 19.34
CA THR B 255 -8.81 -43.14 19.54
C THR B 255 -8.53 -41.99 18.60
N SER B 256 -7.77 -42.28 17.55
CA SER B 256 -7.25 -41.26 16.65
C SER B 256 -8.39 -40.73 15.78
N LEU B 257 -8.19 -39.56 15.20
CA LEU B 257 -9.21 -38.99 14.30
C LEU B 257 -9.47 -39.92 13.13
N PHE B 258 -10.74 -40.12 12.83
CA PHE B 258 -11.13 -40.97 11.74
C PHE B 258 -12.25 -40.26 11.02
N ASP B 259 -12.25 -40.33 9.70
CA ASP B 259 -13.37 -39.85 8.93
C ASP B 259 -13.91 -40.97 8.13
N GLU B 260 -15.16 -41.34 8.42
CA GLU B 260 -15.81 -42.49 7.80
C GLU B 260 -16.16 -42.29 6.34
N GLU B 261 -16.72 -41.13 6.04
CA GLU B 261 -17.02 -40.76 4.65
C GLU B 261 -15.75 -40.65 3.83
N GLY B 262 -14.72 -40.09 4.44
CA GLY B 262 -13.43 -39.96 3.78
C GLY B 262 -12.86 -41.32 3.44
N ALA B 263 -13.09 -42.28 4.33
CA ALA B 263 -12.52 -43.62 4.19
C ALA B 263 -13.11 -44.36 3.00
N LYS B 264 -14.21 -43.83 2.45
CA LYS B 264 -14.83 -44.43 1.29
C LYS B 264 -14.08 -44.17 -0.01
N ILE B 265 -13.23 -43.16 -0.02
CA ILE B 265 -12.53 -42.76 -1.24
C ILE B 265 -11.03 -42.97 -1.17
N VAL B 266 -10.54 -43.61 -0.11
CA VAL B 266 -9.08 -43.72 0.06
C VAL B 266 -8.38 -44.56 -1.00
N LYS B 267 -9.05 -45.65 -1.40
CA LYS B 267 -8.48 -46.55 -2.41
C LYS B 267 -8.38 -45.91 -3.78
N ASP B 268 -9.43 -45.19 -4.15
CA ASP B 268 -9.53 -44.50 -5.43
C ASP B 268 -8.47 -43.43 -5.57
N LEU B 269 -8.28 -42.73 -4.46
CA LEU B 269 -7.27 -41.69 -4.32
C LEU B 269 -5.87 -42.24 -4.47
N MET B 270 -5.64 -43.46 -3.98
CA MET B 270 -4.33 -44.11 -4.14
C MET B 270 -4.09 -44.50 -5.58
N SER B 271 -5.13 -45.06 -6.17
CA SER B 271 -5.05 -45.59 -7.52
C SER B 271 -4.89 -44.49 -8.57
N LYS B 272 -5.58 -43.36 -8.37
CA LYS B 272 -5.39 -42.24 -9.25
C LYS B 272 -3.97 -41.72 -9.12
N ALA B 273 -3.41 -41.78 -7.91
CA ALA B 273 -2.04 -41.32 -7.69
C ALA B 273 -1.07 -42.17 -8.49
N GLU B 274 -1.35 -43.47 -8.53
CA GLU B 274 -0.58 -44.42 -9.32
C GLU B 274 -0.65 -44.15 -10.80
N LYS B 275 -1.88 -44.00 -11.24
CA LYS B 275 -2.21 -43.68 -12.61
C LYS B 275 -1.43 -42.45 -13.09
N ASN B 276 -1.44 -41.39 -12.27
CA ASN B 276 -0.71 -40.16 -12.58
C ASN B 276 0.74 -40.16 -12.08
N GLY B 277 1.19 -41.22 -11.45
CA GLY B 277 2.55 -41.23 -10.92
C GLY B 277 2.85 -40.09 -9.95
N VAL B 278 2.00 -39.97 -8.94
CA VAL B 278 2.28 -39.08 -7.81
C VAL B 278 2.71 -39.92 -6.61
N LYS B 279 3.87 -39.61 -6.08
CA LYS B 279 4.37 -40.35 -4.93
C LYS B 279 3.69 -39.89 -3.67
N ILE B 280 3.05 -40.83 -2.99
CA ILE B 280 2.33 -40.53 -1.75
C ILE B 280 3.20 -40.94 -0.58
N THR B 281 3.47 -40.01 0.31
CA THR B 281 4.28 -40.33 1.48
C THR B 281 3.45 -40.29 2.76
N LEU B 282 3.47 -41.39 3.50
CA LEU B 282 2.71 -41.52 4.74
C LEU B 282 3.64 -41.85 5.88
N PRO B 283 3.15 -41.68 7.11
CA PRO B 283 3.92 -41.96 8.32
C PRO B 283 4.03 -43.44 8.64
N VAL B 284 5.22 -43.87 9.02
CA VAL B 284 5.46 -45.26 9.38
C VAL B 284 5.53 -45.50 10.90
N ASP B 285 5.55 -44.42 11.67
CA ASP B 285 5.58 -44.53 13.13
C ASP B 285 5.03 -43.26 13.74
N PHE B 286 4.54 -43.38 14.97
CA PHE B 286 3.85 -42.27 15.63
C PHE B 286 4.33 -42.10 17.07
N VAL B 287 3.93 -40.98 17.66
CA VAL B 287 4.08 -40.70 19.07
C VAL B 287 2.67 -40.66 19.64
N THR B 288 2.38 -41.45 20.69
CA THR B 288 0.98 -41.64 21.10
C THR B 288 0.64 -41.13 22.49
N ALA B 289 -0.66 -40.93 22.70
CA ALA B 289 -1.21 -40.31 23.91
C ALA B 289 -2.49 -40.98 24.41
N ASP B 290 -2.64 -41.09 25.73
CA ASP B 290 -3.84 -41.72 26.34
C ASP B 290 -5.03 -40.79 26.63
N LYS B 291 -4.81 -39.48 26.60
CA LYS B 291 -5.93 -38.54 26.56
C LYS B 291 -5.51 -37.35 25.74
N PHE B 292 -6.49 -36.56 25.33
CA PHE B 292 -6.19 -35.42 24.46
C PHE B 292 -5.67 -34.26 25.30
N ASP B 293 -4.41 -34.34 25.69
CA ASP B 293 -3.90 -33.37 26.62
C ASP B 293 -2.45 -33.07 26.43
N GLU B 294 -2.09 -31.85 26.78
CA GLU B 294 -0.70 -31.43 26.85
C GLU B 294 0.07 -32.38 27.76
N ASN B 295 -0.56 -32.68 28.89
CA ASN B 295 0.06 -33.43 29.97
C ASN B 295 -0.39 -34.88 30.10
N ALA B 296 -0.59 -35.52 28.95
CA ALA B 296 -0.95 -36.93 28.91
C ALA B 296 0.30 -37.75 29.01
N LYS B 297 0.12 -39.03 29.32
CA LYS B 297 1.20 -40.02 29.25
C LYS B 297 1.53 -40.33 27.79
N THR B 298 2.83 -40.37 27.49
CA THR B 298 3.33 -40.59 26.13
C THR B 298 3.61 -42.05 25.83
N GLY B 299 3.63 -42.36 24.53
CA GLY B 299 3.72 -43.73 24.03
C GLY B 299 4.25 -43.72 22.61
N GLN B 300 4.64 -44.89 22.12
CA GLN B 300 5.33 -45.05 20.82
C GLN B 300 4.62 -46.13 20.03
N ALA B 301 4.64 -46.02 18.70
CA ALA B 301 3.93 -46.98 17.86
C ALA B 301 4.40 -46.96 16.41
N THR B 302 3.99 -47.98 15.67
CA THR B 302 4.35 -48.13 14.26
C THR B 302 3.10 -48.50 13.49
N VAL B 303 3.19 -48.46 12.17
CA VAL B 303 2.09 -48.91 11.35
C VAL B 303 1.86 -50.40 11.62
N ALA B 304 2.96 -51.14 11.64
CA ALA B 304 2.93 -52.58 11.88
C ALA B 304 2.38 -52.85 13.29
N SER B 305 2.92 -52.13 14.26
CA SER B 305 2.53 -52.36 15.67
C SER B 305 1.07 -52.03 15.94
N GLY B 306 0.61 -50.96 15.32
CA GLY B 306 -0.74 -50.46 15.51
C GLY B 306 -0.76 -49.54 16.73
N ILE B 307 -1.90 -48.90 16.94
CA ILE B 307 -2.05 -48.04 18.11
C ILE B 307 -3.05 -48.68 19.06
N PRO B 308 -2.66 -48.75 20.36
CA PRO B 308 -3.43 -49.45 21.40
C PRO B 308 -4.78 -48.81 21.67
N ALA B 309 -5.74 -49.64 22.03
CA ALA B 309 -7.13 -49.22 22.19
C ALA B 309 -7.31 -48.12 23.25
N GLY B 310 -7.94 -47.04 22.86
CA GLY B 310 -8.09 -45.88 23.75
C GLY B 310 -6.91 -44.92 23.71
N TRP B 311 -5.97 -45.16 22.81
CA TRP B 311 -4.81 -44.29 22.66
C TRP B 311 -4.90 -43.61 21.32
N MET B 312 -4.29 -42.44 21.20
CA MET B 312 -4.34 -41.67 19.95
C MET B 312 -2.97 -41.17 19.56
N GLY B 313 -2.75 -41.06 18.25
CA GLY B 313 -1.48 -40.56 17.74
C GLY B 313 -1.57 -39.07 17.48
N LEU B 314 -0.78 -38.30 18.20
CA LEU B 314 -0.82 -36.84 18.10
C LEU B 314 0.41 -36.25 17.42
N ASP B 315 1.37 -37.10 17.12
CA ASP B 315 2.56 -36.70 16.36
C ASP B 315 3.12 -37.91 15.61
N CYS B 316 3.99 -37.63 14.66
CA CYS B 316 4.58 -38.66 13.83
C CYS B 316 6.00 -38.93 14.29
N GLY B 317 6.40 -40.18 14.13
CA GLY B 317 7.67 -40.63 14.66
C GLY B 317 8.88 -40.23 13.82
N PRO B 318 10.09 -40.45 14.36
CA PRO B 318 11.38 -40.05 13.78
C PRO B 318 11.71 -40.72 12.45
N GLU B 319 11.32 -41.97 12.27
CA GLU B 319 11.45 -42.64 10.97
C GLU B 319 10.52 -42.03 9.90
N SER B 320 9.38 -41.53 10.34
CA SER B 320 8.43 -40.82 9.47
C SER B 320 9.00 -39.51 8.99
N SER B 321 9.62 -38.76 9.90
CA SER B 321 10.25 -37.48 9.57
C SER B 321 11.41 -37.67 8.57
N LYS B 322 12.05 -38.81 8.67
CA LYS B 322 13.14 -39.19 7.79
C LYS B 322 12.68 -39.25 6.35
N LYS B 323 11.50 -39.83 6.15
CA LYS B 323 10.92 -39.99 4.81
C LYS B 323 10.44 -38.69 4.24
N TYR B 324 9.73 -37.92 5.06
CA TYR B 324 9.23 -36.65 4.60
C TYR B 324 10.41 -35.89 4.04
N ALA B 325 11.49 -35.86 4.82
CA ALA B 325 12.69 -35.11 4.49
C ALA B 325 13.33 -35.51 3.15
N GLU B 326 13.08 -36.74 2.70
CA GLU B 326 13.54 -37.15 1.35
C GLU B 326 12.71 -36.47 0.27
N ALA B 327 11.41 -36.31 0.55
CA ALA B 327 10.48 -35.66 -0.37
C ALA B 327 10.79 -34.17 -0.52
N VAL B 328 11.08 -33.52 0.60
CA VAL B 328 11.38 -32.09 0.61
C VAL B 328 12.61 -31.79 -0.24
N THR B 329 13.58 -32.68 -0.18
CA THR B 329 14.87 -32.50 -0.85
C THR B 329 14.74 -32.64 -2.36
N ARG B 330 13.79 -33.45 -2.78
CA ARG B 330 13.49 -33.60 -4.21
C ARG B 330 12.82 -32.36 -4.81
N ALA B 331 11.90 -31.77 -4.05
CA ALA B 331 10.94 -30.80 -4.59
C ALA B 331 11.47 -29.38 -4.80
N LYS B 332 10.93 -28.72 -5.83
CA LYS B 332 11.29 -27.33 -6.17
C LYS B 332 10.17 -26.34 -5.88
N GLN B 333 9.01 -26.87 -5.51
CA GLN B 333 7.96 -26.04 -4.97
C GLN B 333 7.19 -26.85 -3.94
N ILE B 334 6.81 -26.18 -2.86
CA ILE B 334 6.16 -26.87 -1.76
C ILE B 334 5.04 -26.03 -1.25
N VAL B 335 3.89 -26.68 -1.08
CA VAL B 335 2.76 -26.06 -0.43
C VAL B 335 2.40 -26.88 0.79
N TRP B 336 2.43 -26.23 1.95
CA TRP B 336 2.16 -26.90 3.21
C TRP B 336 0.95 -26.29 3.89
N ASN B 337 -0.04 -27.14 4.17
CA ASN B 337 -1.14 -26.77 5.05
C ASN B 337 -1.41 -27.85 6.09
N GLY B 338 -1.46 -27.43 7.35
CA GLY B 338 -1.79 -28.33 8.44
C GLY B 338 -0.53 -28.94 8.99
N PRO B 339 -0.30 -28.76 10.30
CA PRO B 339 0.79 -29.40 10.97
C PRO B 339 0.61 -30.91 11.02
N VAL B 340 1.75 -31.62 11.04
CA VAL B 340 1.77 -33.09 11.10
C VAL B 340 1.60 -33.62 12.52
N GLY B 341 1.55 -32.72 13.49
CA GLY B 341 1.40 -33.08 14.90
C GLY B 341 0.86 -31.89 15.69
N VAL B 342 0.64 -32.08 16.97
CA VAL B 342 0.13 -31.00 17.80
C VAL B 342 1.28 -30.11 18.29
N PHE B 343 1.62 -29.11 17.48
CA PHE B 343 2.86 -28.34 17.68
C PHE B 343 2.84 -27.47 18.92
N GLU B 344 1.63 -27.20 19.41
CA GLU B 344 1.41 -26.36 20.60
C GLU B 344 1.88 -27.00 21.92
N TRP B 345 1.76 -28.32 21.99
CA TRP B 345 2.17 -29.10 23.13
C TRP B 345 3.54 -29.72 22.86
N GLU B 346 4.45 -29.51 23.81
CA GLU B 346 5.86 -29.84 23.61
C GLU B 346 6.17 -31.30 23.33
N ALA B 347 5.36 -32.20 23.85
CA ALA B 347 5.61 -33.64 23.67
C ALA B 347 5.35 -34.05 22.22
N PHE B 348 4.49 -33.32 21.55
CA PHE B 348 4.05 -33.68 20.20
C PHE B 348 4.50 -32.69 19.10
N ALA B 349 5.39 -31.76 19.44
CA ALA B 349 5.91 -30.76 18.46
C ALA B 349 7.20 -31.20 17.77
N ARG B 350 7.69 -32.39 18.11
CA ARG B 350 8.97 -32.85 17.61
C ARG B 350 8.96 -32.93 16.09
N GLY B 351 7.94 -33.60 15.55
CA GLY B 351 7.85 -33.90 14.11
C GLY B 351 7.68 -32.67 13.22
N THR B 352 6.78 -31.80 13.64
CA THR B 352 6.46 -30.56 12.95
C THR B 352 7.67 -29.63 12.95
N LYS B 353 8.43 -29.66 14.02
CA LYS B 353 9.65 -28.85 14.16
C LYS B 353 10.71 -29.32 13.16
N ALA B 354 10.83 -30.63 13.03
CA ALA B 354 11.77 -31.21 12.08
C ALA B 354 11.41 -30.83 10.65
N LEU B 355 10.10 -30.87 10.37
CA LEU B 355 9.61 -30.65 9.03
C LEU B 355 9.88 -29.23 8.59
N MET B 356 9.60 -28.29 9.49
CA MET B 356 9.84 -26.89 9.19
C MET B 356 11.30 -26.62 8.95
N ASP B 357 12.15 -27.25 9.76
CA ASP B 357 13.61 -27.07 9.65
C ASP B 357 14.06 -27.43 8.23
N GLU B 358 13.53 -28.54 7.71
CA GLU B 358 13.86 -28.96 6.35
C GLU B 358 13.30 -28.01 5.32
N VAL B 359 12.09 -27.52 5.55
CA VAL B 359 11.47 -26.57 4.63
C VAL B 359 12.29 -25.27 4.53
N VAL B 360 12.95 -24.89 5.63
CA VAL B 360 13.79 -23.68 5.66
C VAL B 360 15.09 -23.81 4.85
N LYS B 361 15.73 -24.97 4.97
CA LYS B 361 16.88 -25.26 4.15
C LYS B 361 16.44 -25.21 2.69
N ALA B 362 15.29 -25.84 2.41
CA ALA B 362 14.79 -25.96 1.05
C ALA B 362 14.72 -24.60 0.37
N THR B 363 14.24 -23.60 1.10
CA THR B 363 14.16 -22.25 0.55
C THR B 363 15.54 -21.66 0.28
N SER B 364 16.56 -22.11 1.01
CA SER B 364 17.95 -21.65 0.77
C SER B 364 18.50 -22.12 -0.57
N ARG B 365 18.13 -23.30 -1.03
CA ARG B 365 18.62 -23.81 -2.33
C ARG B 365 17.76 -23.34 -3.50
N GLY B 366 16.81 -22.44 -3.22
CA GLY B 366 15.99 -21.81 -4.26
C GLY B 366 14.61 -22.43 -4.46
N CYS B 367 14.29 -23.44 -3.66
CA CYS B 367 12.97 -24.04 -3.71
C CYS B 367 11.94 -23.09 -3.15
N ILE B 368 10.76 -23.05 -3.78
CA ILE B 368 9.72 -22.11 -3.36
C ILE B 368 8.79 -22.77 -2.36
N THR B 369 8.59 -22.11 -1.25
CA THR B 369 7.82 -22.68 -0.16
C THR B 369 6.68 -21.79 0.26
N ILE B 370 5.49 -22.39 0.27
CA ILE B 370 4.31 -21.72 0.77
C ILE B 370 3.71 -22.51 1.91
N ILE B 371 3.63 -21.87 3.07
CA ILE B 371 2.97 -22.42 4.22
C ILE B 371 1.75 -21.56 4.42
N GLY B 372 0.58 -22.17 4.35
CA GLY B 372 -0.67 -21.42 4.46
C GLY B 372 -1.57 -22.03 5.52
N GLY B 373 -2.26 -21.18 6.26
CA GLY B 373 -3.27 -21.63 7.23
C GLY B 373 -3.10 -21.08 8.63
N GLY B 374 -4.23 -20.94 9.33
CA GLY B 374 -4.27 -20.25 10.62
C GLY B 374 -3.42 -20.87 11.70
N ASP B 375 -3.43 -22.20 11.77
CA ASP B 375 -2.61 -22.94 12.73
C ASP B 375 -1.22 -23.25 12.19
N THR B 376 -1.14 -23.56 10.90
CA THR B 376 0.14 -23.87 10.24
C THR B 376 1.02 -22.64 10.09
N ALA B 377 0.37 -21.47 9.98
CA ALA B 377 1.07 -20.19 9.95
C ALA B 377 1.66 -19.88 11.32
N THR B 378 0.96 -20.29 12.37
CA THR B 378 1.39 -19.99 13.74
C THR B 378 2.67 -20.72 14.08
N CYS B 379 3.00 -21.76 13.33
CA CYS B 379 4.28 -22.43 13.50
C CYS B 379 5.40 -21.45 13.21
N CYS B 380 5.22 -20.69 12.13
CA CYS B 380 6.25 -19.76 11.69
C CYS B 380 6.54 -18.71 12.73
N ALA B 381 5.47 -18.16 13.27
CA ALA B 381 5.53 -17.15 14.33
C ALA B 381 6.17 -17.68 15.61
N LYS B 382 5.88 -18.92 15.96
CA LYS B 382 6.41 -19.55 17.15
C LYS B 382 7.91 -19.76 17.05
N TRP B 383 8.37 -20.17 15.87
CA TRP B 383 9.76 -20.55 15.63
C TRP B 383 10.51 -19.54 14.77
N ASN B 384 9.91 -18.37 14.62
CA ASN B 384 10.50 -17.25 13.89
C ASN B 384 10.99 -17.53 12.48
N THR B 385 10.26 -18.32 11.72
CA THR B 385 10.68 -18.67 10.36
C THR B 385 9.87 -17.93 9.30
N GLU B 386 9.23 -16.84 9.70
CA GLU B 386 8.31 -16.13 8.82
C GLU B 386 8.94 -15.51 7.59
N ASP B 387 10.12 -14.93 7.78
CA ASP B 387 10.89 -14.32 6.69
C ASP B 387 11.89 -15.31 6.08
N LYS B 388 11.93 -16.52 6.63
CA LYS B 388 12.80 -17.57 6.13
C LYS B 388 12.18 -18.38 5.00
N VAL B 389 10.88 -18.21 4.80
CA VAL B 389 10.15 -18.94 3.78
C VAL B 389 9.58 -17.99 2.74
N SER B 390 9.37 -18.54 1.56
CA SER B 390 9.05 -17.75 0.39
C SER B 390 7.78 -16.94 0.58
N HIS B 391 6.80 -17.54 1.23
CA HIS B 391 5.53 -16.87 1.46
C HIS B 391 4.83 -17.49 2.66
N VAL B 392 4.22 -16.66 3.50
CA VAL B 392 3.36 -17.15 4.56
C VAL B 392 1.97 -16.59 4.34
N SER B 393 1.01 -17.48 4.16
CA SER B 393 -0.33 -17.09 3.75
C SER B 393 -1.37 -17.26 4.85
N THR B 394 -2.39 -16.41 4.75
CA THR B 394 -3.48 -16.33 5.71
C THR B 394 -4.53 -17.44 5.58
N GLY B 395 -4.63 -18.03 4.40
CA GLY B 395 -5.60 -19.10 4.17
C GLY B 395 -4.88 -20.39 3.93
N GLY B 396 -5.43 -21.48 4.46
CA GLY B 396 -4.84 -22.81 4.24
C GLY B 396 -5.72 -23.64 3.34
N GLY B 397 -6.94 -23.90 3.81
CA GLY B 397 -7.92 -24.61 3.00
C GLY B 397 -8.23 -23.86 1.72
N ALA B 398 -8.25 -22.55 1.81
CA ALA B 398 -8.51 -21.67 0.68
C ALA B 398 -7.45 -21.79 -0.41
N SER B 399 -6.19 -21.82 0.02
CA SER B 399 -5.04 -21.97 -0.87
C SER B 399 -5.04 -23.28 -1.61
N LEU B 400 -5.47 -24.34 -0.93
CA LEU B 400 -5.55 -25.65 -1.56
C LEU B 400 -6.63 -25.70 -2.63
N GLU B 401 -7.72 -24.99 -2.38
CA GLU B 401 -8.84 -24.92 -3.30
C GLU B 401 -8.51 -24.18 -4.61
N LEU B 402 -7.59 -23.20 -4.55
CA LEU B 402 -7.04 -22.62 -5.78
C LEU B 402 -6.18 -23.64 -6.53
N LEU B 403 -5.42 -24.43 -5.76
CA LEU B 403 -4.55 -25.47 -6.32
C LEU B 403 -5.31 -26.40 -7.27
N GLU B 404 -6.53 -26.74 -6.86
CA GLU B 404 -7.46 -27.53 -7.70
C GLU B 404 -7.93 -26.75 -8.95
N GLY B 405 -7.89 -25.42 -8.88
CA GLY B 405 -8.29 -24.57 -10.02
C GLY B 405 -9.77 -24.23 -10.03
N LYS B 406 -10.38 -24.20 -8.85
CA LYS B 406 -11.81 -23.87 -8.71
C LYS B 406 -11.99 -22.41 -8.33
N VAL B 407 -12.78 -21.68 -9.12
CA VAL B 407 -13.03 -20.25 -8.86
C VAL B 407 -13.64 -20.10 -7.48
N LEU B 408 -12.98 -19.38 -6.59
CA LEU B 408 -13.45 -19.32 -5.20
C LEU B 408 -14.83 -18.67 -5.12
N PRO B 409 -15.79 -19.31 -4.42
CA PRO B 409 -17.15 -18.80 -4.21
C PRO B 409 -17.21 -17.38 -3.61
N GLY B 410 -16.34 -17.09 -2.66
CA GLY B 410 -16.27 -15.75 -2.10
C GLY B 410 -15.99 -14.75 -3.19
N VAL B 411 -15.07 -15.12 -4.08
CA VAL B 411 -14.64 -14.25 -5.19
C VAL B 411 -15.67 -14.21 -6.32
N ASP B 412 -16.39 -15.31 -6.53
CA ASP B 412 -17.42 -15.36 -7.56
C ASP B 412 -18.58 -14.39 -7.28
N ALA B 413 -18.88 -14.17 -6.00
CA ALA B 413 -20.04 -13.39 -5.56
C ALA B 413 -19.88 -11.87 -5.64
N LEU B 414 -18.70 -11.45 -6.08
CA LEU B 414 -18.32 -10.05 -6.18
C LEU B 414 -18.84 -9.39 -7.46
N SER B 415 -18.83 -8.06 -7.45
CA SER B 415 -19.43 -7.28 -8.52
C SER B 415 -18.49 -7.12 -9.71
N ASN B 416 -19.05 -7.36 -10.90
CA ASN B 416 -18.36 -7.12 -12.17
C ASN B 416 -18.48 -5.67 -12.60
#